data_9DUI
#
_entry.id   9DUI
#
_cell.length_a   154.360
_cell.length_b   154.360
_cell.length_c   86.780
_cell.angle_alpha   90.000
_cell.angle_beta   90.000
_cell.angle_gamma   120.000
#
_symmetry.space_group_name_H-M   'P 62'
#
loop_
_entity.id
_entity.type
_entity.pdbx_description
1 polymer 'Aromatic-L-amino-acid decarboxylase'
2 non-polymer '(2S)-3-(3,4-dihydroxyphenyl)-2-[(2E)-2-({3-hydroxy-2-methyl-5-[(phosphonooxy)methyl]pyridin-4-yl}methylidene)hydrazin-1-yl]-2-methylpropanoic acid'
3 non-polymer 'SULFATE ION'
4 water water
#
_entity_poly.entity_id   1
_entity_poly.type   'polypeptide(L)'
_entity_poly.pdbx_seq_one_letter_code
;(ACE)MNASDFRRRGKEMVDYMADYLEGIEGRQVYPDVQPGYLRPLIPATAPQEPDTFEDILQDVEKIIMPGVTHWHSPY
FFAYFPTASSYPAMLADMLCGAIGCIGFSWAASPACTELETVMMDWLGKMLQLPEAFLAGEAGEGGGVIQGSASEATLVA
LLAARTKVVRRLQAASPGLTQGAVLEKLVAYASDQAHSSVERAGLIGGVKLKAIPSDGKFAMRASALQEALERDKAAGLI
PFFVVATLGTTSCCSFDNLLEVGPICHEEDIWLHVDAAYAGSAFICPEFRHLLNGVEFADSFNFNPHKWLLVNFDCSAMW
VKRRTDLTGAFKLDPVYLKHSHQGSGLITDYRHWQLPLGRRFRSLKMWFVFRMYGVKGLQAYIRKHVQLSHEFEAFVLQD
PRFEVCAEVTLGLVCFRLKGSDGLNEALLERINSARKIHLVPCRLRGQFVLRFAICSRKVESGHVRLAWEHIRGLAAELL
AAEEGKAEIKS
;
_entity_poly.pdbx_strand_id   A,B
#
loop_
_chem_comp.id
_chem_comp.type
_chem_comp.name
_chem_comp.formula
A1BCS non-polymer '(2S)-3-(3,4-dihydroxyphenyl)-2-[(2E)-2-({3-hydroxy-2-methyl-5-[(phosphonooxy)methyl]pyridin-4-yl}methylidene)hydrazin-1-yl]-2-methylpropanoic acid' 'C18 H22 N3 O9 P'
ACE non-polymer 'ACETYL GROUP' 'C2 H4 O'
SO4 non-polymer 'SULFATE ION' 'O4 S -2'
#
# COMPACT_ATOMS: atom_id res chain seq x y z
C ACE A 1 12.94 -22.63 7.75
O ACE A 1 13.00 -22.64 8.97
CH3 ACE A 1 14.08 -22.14 6.90
N MET A 2 11.86 -23.08 7.11
CA MET A 2 10.70 -23.57 7.83
C MET A 2 9.74 -24.28 6.85
N ASN A 3 9.15 -25.54 7.00
CA ASN A 3 8.19 -26.27 6.14
C ASN A 3 6.81 -26.20 6.78
N ALA A 4 5.84 -26.83 6.08
CA ALA A 4 4.44 -26.78 6.46
C ALA A 4 4.26 -27.35 7.86
N SER A 5 5.00 -28.41 8.12
CA SER A 5 4.87 -29.12 9.36
C SER A 5 5.32 -28.23 10.53
N ASP A 6 6.42 -27.48 10.39
CA ASP A 6 6.81 -26.58 11.46
C ASP A 6 5.84 -25.42 11.56
N PHE A 7 5.27 -25.03 10.43
CA PHE A 7 4.35 -23.91 10.42
C PHE A 7 3.08 -24.32 11.17
N ARG A 8 2.66 -25.57 11.02
CA ARG A 8 1.48 -26.02 11.73
C ARG A 8 1.69 -25.83 13.24
N ARG A 9 2.88 -26.14 13.72
CA ARG A 9 3.17 -25.98 15.14
C ARG A 9 3.30 -24.50 15.52
N ARG A 10 4.16 -23.73 14.83
CA ARG A 10 4.48 -22.38 15.24
C ARG A 10 3.33 -21.43 14.94
N GLY A 11 2.65 -21.67 13.84
CA GLY A 11 1.46 -20.91 13.50
C GLY A 11 0.44 -20.96 14.62
N LYS A 12 0.24 -22.15 15.20
CA LYS A 12 -0.68 -22.30 16.31
C LYS A 12 -0.14 -21.64 17.57
N GLU A 13 1.18 -21.72 17.79
CA GLU A 13 1.77 -20.98 18.89
C GLU A 13 1.54 -19.49 18.69
N MET A 14 1.74 -19.00 17.45
CA MET A 14 1.56 -17.59 17.17
C MET A 14 0.11 -17.18 17.43
N VAL A 15 -0.85 -18.04 17.10
CA VAL A 15 -2.26 -17.72 17.34
C VAL A 15 -2.47 -17.48 18.84
N ASP A 16 -1.90 -18.34 19.66
CA ASP A 16 -2.02 -18.20 21.10
C ASP A 16 -1.35 -16.92 21.58
N TYR A 17 -0.19 -16.57 20.99
CA TYR A 17 0.55 -15.39 21.39
C TYR A 17 -0.30 -14.16 21.09
N MET A 18 -0.89 -14.13 19.90
CA MET A 18 -1.75 -13.05 19.45
C MET A 18 -2.95 -12.87 20.37
N ALA A 19 -3.60 -13.98 20.70
CA ALA A 19 -4.77 -13.94 21.52
C ALA A 19 -4.38 -13.52 22.94
N ASP A 20 -3.24 -14.02 23.44
CA ASP A 20 -2.76 -13.61 24.75
C ASP A 20 -2.51 -12.10 24.80
N TYR A 21 -1.93 -11.57 23.72
CA TYR A 21 -1.59 -10.17 23.68
C TYR A 21 -2.87 -9.34 23.75
N LEU A 22 -3.86 -9.62 22.90
CA LEU A 22 -5.06 -8.81 22.88
C LEU A 22 -5.93 -9.03 24.12
N GLU A 23 -5.95 -10.24 24.66
CA GLU A 23 -6.73 -10.52 25.85
C GLU A 23 -6.13 -9.83 27.06
N GLY A 24 -4.81 -9.82 27.18
CA GLY A 24 -4.16 -9.24 28.34
C GLY A 24 -3.81 -7.75 28.17
N ILE A 25 -4.33 -7.09 27.13
CA ILE A 25 -3.79 -5.81 26.71
C ILE A 25 -4.05 -4.68 27.72
N GLU A 26 -5.09 -4.80 28.56
CA GLU A 26 -5.35 -3.83 29.61
C GLU A 26 -4.18 -3.73 30.59
N GLY A 27 -3.44 -4.82 30.76
CA GLY A 27 -2.34 -4.85 31.69
C GLY A 27 -1.10 -4.16 31.15
N ARG A 28 -1.12 -3.75 29.88
CA ARG A 28 0.04 -3.12 29.29
C ARG A 28 -0.08 -1.60 29.44
N GLN A 29 1.06 -0.95 29.66
CA GLN A 29 1.08 0.50 29.63
C GLN A 29 0.90 0.97 28.19
N VAL A 30 -0.06 1.85 27.97
CA VAL A 30 -0.49 2.22 26.62
C VAL A 30 0.65 2.84 25.82
N TYR A 31 1.30 3.83 26.43
CA TYR A 31 2.28 4.64 25.74
C TYR A 31 3.64 4.28 26.31
N PRO A 32 4.65 4.07 25.45
CA PRO A 32 5.95 3.59 25.91
C PRO A 32 6.85 4.62 26.58
N ASP A 33 7.78 4.13 27.38
CA ASP A 33 8.72 4.98 28.09
C ASP A 33 10.07 5.04 27.40
N VAL A 34 10.22 4.29 26.32
CA VAL A 34 11.47 4.20 25.59
C VAL A 34 11.72 5.52 24.88
N GLN A 35 12.99 5.87 24.72
CA GLN A 35 13.39 7.06 23.99
C GLN A 35 13.58 6.72 22.53
N PRO A 36 13.47 7.71 21.61
CA PRO A 36 13.84 7.51 20.21
C PRO A 36 15.27 6.96 20.08
N GLY A 37 15.45 5.90 19.30
CA GLY A 37 16.77 5.34 19.13
C GLY A 37 17.01 4.13 20.04
N TYR A 38 15.99 3.68 20.78
CA TYR A 38 16.20 2.64 21.78
C TYR A 38 16.54 1.30 21.15
N LEU A 39 16.05 1.01 19.94
CA LEU A 39 16.02 -0.35 19.46
C LEU A 39 17.37 -0.81 18.89
N ARG A 40 18.04 0.04 18.11
CA ARG A 40 19.20 -0.41 17.36
C ARG A 40 20.25 -1.04 18.28
N PRO A 41 20.60 -0.49 19.45
CA PRO A 41 21.63 -1.10 20.27
C PRO A 41 21.23 -2.41 20.93
N LEU A 42 19.95 -2.78 20.87
CA LEU A 42 19.47 -3.99 21.52
C LEU A 42 19.50 -5.19 20.58
N ILE A 43 19.66 -4.97 19.28
CA ILE A 43 19.68 -6.10 18.37
C ILE A 43 20.95 -6.04 17.55
N PRO A 44 21.36 -7.17 16.94
CA PRO A 44 22.61 -7.21 16.21
C PRO A 44 22.65 -6.24 15.01
N ALA A 45 23.85 -5.88 14.58
CA ALA A 45 24.07 -4.93 13.50
C ALA A 45 23.98 -5.62 12.14
N THR A 46 23.93 -6.96 12.18
CA THR A 46 24.01 -7.81 11.02
C THR A 46 22.94 -8.89 11.15
N ALA A 47 22.31 -9.27 10.04
CA ALA A 47 21.49 -10.48 9.97
C ALA A 47 22.33 -11.71 10.32
N PRO A 48 21.74 -12.72 10.96
CA PRO A 48 22.47 -13.92 11.34
C PRO A 48 22.78 -14.76 10.10
N GLN A 49 23.93 -15.41 10.12
CA GLN A 49 24.33 -16.31 9.05
C GLN A 49 23.46 -17.56 9.09
N GLU A 50 23.18 -18.04 10.30
CA GLU A 50 22.47 -19.28 10.53
C GLU A 50 21.15 -18.93 11.19
N PRO A 51 20.12 -19.79 11.13
CA PRO A 51 18.81 -19.45 11.70
C PRO A 51 18.86 -19.26 13.20
N ASP A 52 18.08 -18.31 13.70
CA ASP A 52 17.71 -18.21 15.10
C ASP A 52 16.48 -19.11 15.30
N THR A 53 16.13 -19.43 16.54
CA THR A 53 14.93 -20.21 16.78
C THR A 53 13.73 -19.28 16.90
N PHE A 54 12.57 -19.86 16.64
CA PHE A 54 11.31 -19.16 16.79
C PHE A 54 11.14 -18.66 18.23
N GLU A 55 11.53 -19.48 19.20
CA GLU A 55 11.49 -19.12 20.61
C GLU A 55 12.30 -17.86 20.90
N ASP A 56 13.53 -17.77 20.37
CA ASP A 56 14.37 -16.61 20.58
C ASP A 56 13.67 -15.38 19.99
N ILE A 57 13.01 -15.52 18.85
CA ILE A 57 12.38 -14.38 18.22
C ILE A 57 11.21 -13.92 19.09
N LEU A 58 10.38 -14.85 19.59
CA LEU A 58 9.23 -14.48 20.39
C LEU A 58 9.67 -13.79 21.67
N GLN A 59 10.76 -14.26 22.27
CA GLN A 59 11.34 -13.62 23.45
CA GLN A 59 11.33 -13.62 23.45
C GLN A 59 11.69 -12.18 23.12
N ASP A 60 12.31 -11.98 21.94
CA ASP A 60 12.68 -10.64 21.52
C ASP A 60 11.44 -9.80 21.29
N VAL A 61 10.36 -10.40 20.77
CA VAL A 61 9.18 -9.61 20.59
C VAL A 61 8.76 -9.03 21.93
N GLU A 62 8.73 -9.88 22.94
CA GLU A 62 8.22 -9.49 24.25
C GLU A 62 9.17 -8.51 24.93
N LYS A 63 10.48 -8.76 24.86
CA LYS A 63 11.46 -8.04 25.67
C LYS A 63 12.00 -6.78 24.99
N ILE A 64 11.93 -6.71 23.65
CA ILE A 64 12.56 -5.64 22.90
C ILE A 64 11.55 -4.86 22.06
N ILE A 65 10.60 -5.55 21.42
CA ILE A 65 9.63 -4.91 20.56
C ILE A 65 8.53 -4.28 21.42
N MET A 66 7.92 -5.06 22.32
CA MET A 66 6.75 -4.62 23.05
C MET A 66 6.98 -3.32 23.82
N PRO A 67 8.14 -3.09 24.47
CA PRO A 67 8.39 -1.80 25.14
C PRO A 67 8.35 -0.59 24.22
N GLY A 68 8.56 -0.81 22.91
CA GLY A 68 8.47 0.25 21.92
C GLY A 68 7.16 0.23 21.13
N VAL A 69 6.15 -0.48 21.64
CA VAL A 69 4.84 -0.45 21.01
C VAL A 69 3.88 0.45 21.79
N THR A 70 3.15 1.30 21.07
CA THR A 70 2.03 2.06 21.57
C THR A 70 0.79 1.22 21.29
N HIS A 71 0.05 0.84 22.34
CA HIS A 71 -0.97 -0.18 22.26
C HIS A 71 -2.30 0.46 21.82
N TRP A 72 -2.45 0.53 20.49
CA TRP A 72 -3.63 1.04 19.82
C TRP A 72 -4.90 0.32 20.28
N HIS A 73 -4.80 -0.95 20.71
CA HIS A 73 -5.99 -1.74 20.95
C HIS A 73 -6.30 -1.85 22.43
N SER A 74 -5.53 -1.15 23.25
CA SER A 74 -5.88 -1.04 24.66
C SER A 74 -7.18 -0.26 24.79
N PRO A 75 -8.09 -0.64 25.71
CA PRO A 75 -9.23 0.18 26.05
C PRO A 75 -8.87 1.60 26.46
N TYR A 76 -7.64 1.80 26.97
CA TYR A 76 -7.20 3.09 27.50
C TYR A 76 -6.48 3.92 26.42
N PHE A 77 -6.48 3.45 25.18
CA PHE A 77 -6.01 4.27 24.09
C PHE A 77 -7.19 5.07 23.53
N PHE A 78 -7.11 6.39 23.67
CA PHE A 78 -8.19 7.28 23.29
C PHE A 78 -7.64 8.36 22.35
N ALA A 79 -6.61 7.98 21.61
CA ALA A 79 -5.89 8.88 20.74
C ALA A 79 -6.36 8.74 19.30
N TYR A 80 -6.12 9.81 18.53
CA TYR A 80 -6.33 9.85 17.10
C TYR A 80 -7.78 9.47 16.80
N PHE A 81 -7.92 8.47 15.94
CA PHE A 81 -9.17 7.76 15.71
C PHE A 81 -8.87 6.27 15.86
N PRO A 82 -9.86 5.39 16.06
CA PRO A 82 -9.62 3.96 16.07
C PRO A 82 -8.92 3.48 14.81
N THR A 83 -8.06 2.48 14.96
CA THR A 83 -7.73 1.62 13.83
C THR A 83 -8.36 0.26 14.10
N ALA A 84 -8.63 -0.46 13.02
CA ALA A 84 -9.42 -1.65 13.10
C ALA A 84 -8.56 -2.81 13.57
N SER A 85 -9.15 -3.61 14.46
CA SER A 85 -8.61 -4.89 14.86
C SER A 85 -9.77 -5.83 15.15
N SER A 86 -9.89 -6.88 14.35
CA SER A 86 -10.92 -7.89 14.59
C SER A 86 -10.33 -9.24 14.18
N TYR A 87 -10.78 -10.29 14.86
CA TYR A 87 -10.29 -11.63 14.61
C TYR A 87 -10.70 -12.11 13.23
N PRO A 88 -11.91 -11.82 12.73
CA PRO A 88 -12.26 -12.20 11.37
C PRO A 88 -11.27 -11.61 10.37
N ALA A 89 -10.90 -10.34 10.56
CA ALA A 89 -9.98 -9.72 9.63
C ALA A 89 -8.61 -10.39 9.69
N MET A 90 -8.22 -10.81 10.89
CA MET A 90 -6.93 -11.46 11.04
C MET A 90 -6.96 -12.83 10.38
N LEU A 91 -8.08 -13.55 10.49
CA LEU A 91 -8.20 -14.84 9.84
C LEU A 91 -8.11 -14.69 8.32
N ALA A 92 -8.74 -13.65 7.78
CA ALA A 92 -8.73 -13.40 6.35
C ALA A 92 -7.32 -13.08 5.88
N ASP A 93 -6.60 -12.30 6.69
CA ASP A 93 -5.26 -11.88 6.33
C ASP A 93 -4.35 -13.09 6.29
N MET A 94 -4.58 -14.03 7.21
CA MET A 94 -3.84 -15.29 7.17
C MET A 94 -4.07 -15.97 5.82
N LEU A 95 -5.33 -16.15 5.44
CA LEU A 95 -5.65 -16.83 4.21
C LEU A 95 -5.09 -16.03 3.02
N CYS A 96 -5.21 -14.71 3.09
CA CYS A 96 -4.74 -13.82 2.04
C CYS A 96 -3.27 -14.10 1.72
N GLY A 97 -2.46 -14.23 2.77
CA GLY A 97 -1.04 -14.49 2.61
C GLY A 97 -0.71 -15.88 2.07
N ALA A 98 -1.54 -16.86 2.43
CA ALA A 98 -1.32 -18.23 2.01
C ALA A 98 -1.60 -18.39 0.52
N ILE A 99 -2.70 -17.80 0.07
CA ILE A 99 -3.03 -17.81 -1.35
C ILE A 99 -1.95 -17.04 -2.11
N GLY A 100 -1.66 -15.86 -1.59
CA GLY A 100 -0.43 -15.16 -1.93
C GLY A 100 -0.38 -14.75 -3.41
N CYS A 101 -1.52 -14.40 -3.97
CA CYS A 101 -1.55 -13.93 -5.35
C CYS A 101 -1.27 -12.43 -5.35
N ILE A 102 -0.76 -11.95 -6.49
CA ILE A 102 -0.65 -10.54 -6.78
C ILE A 102 -1.65 -10.24 -7.91
N GLY A 103 -2.70 -9.49 -7.56
CA GLY A 103 -3.83 -9.30 -8.44
C GLY A 103 -3.69 -8.06 -9.31
N PHE A 104 -2.58 -7.97 -10.07
CA PHE A 104 -2.32 -6.84 -10.94
C PHE A 104 -3.10 -6.97 -12.25
N SER A 105 -3.63 -8.17 -12.52
CA SER A 105 -4.55 -8.39 -13.62
C SER A 105 -5.59 -9.40 -13.17
N TRP A 106 -6.66 -9.49 -13.96
CA TRP A 106 -7.66 -10.51 -13.73
C TRP A 106 -7.01 -11.89 -13.80
N ALA A 107 -6.22 -12.18 -14.84
CA ALA A 107 -5.64 -13.50 -15.01
C ALA A 107 -4.69 -13.91 -13.88
N ALA A 108 -4.16 -12.95 -13.12
CA ALA A 108 -3.25 -13.24 -12.01
C ALA A 108 -4.00 -13.85 -10.82
N SER A 109 -5.33 -13.71 -10.80
CA SER A 109 -6.22 -14.46 -9.90
C SER A 109 -7.61 -13.85 -10.02
N PRO A 110 -8.48 -14.39 -10.88
CA PRO A 110 -9.82 -13.83 -11.07
C PRO A 110 -10.52 -13.45 -9.77
N ALA A 111 -10.48 -14.34 -8.77
CA ALA A 111 -11.25 -14.11 -7.56
C ALA A 111 -10.71 -12.91 -6.80
N CYS A 112 -9.40 -12.62 -6.92
CA CYS A 112 -8.80 -11.50 -6.21
C CYS A 112 -9.43 -10.16 -6.63
N THR A 113 -9.78 -10.05 -7.91
CA THR A 113 -10.47 -8.91 -8.44
C THR A 113 -11.98 -9.06 -8.21
N GLU A 114 -12.56 -10.22 -8.53
CA GLU A 114 -14.00 -10.33 -8.57
C GLU A 114 -14.64 -10.19 -7.19
N LEU A 115 -14.01 -10.77 -6.17
CA LEU A 115 -14.58 -10.72 -4.84
C LEU A 115 -14.61 -9.28 -4.38
N GLU A 116 -13.58 -8.53 -4.75
CA GLU A 116 -13.46 -7.14 -4.31
C GLU A 116 -14.61 -6.30 -4.86
N THR A 117 -14.96 -6.45 -6.13
CA THR A 117 -16.06 -5.69 -6.67
C THR A 117 -17.35 -6.01 -5.93
N VAL A 118 -17.57 -7.29 -5.60
CA VAL A 118 -18.82 -7.67 -4.96
C VAL A 118 -18.82 -7.14 -3.53
N MET A 119 -17.67 -7.21 -2.83
CA MET A 119 -17.61 -6.69 -1.48
C MET A 119 -17.86 -5.19 -1.44
N MET A 120 -17.41 -4.48 -2.48
CA MET A 120 -17.61 -3.05 -2.55
C MET A 120 -19.08 -2.74 -2.78
N ASP A 121 -19.79 -3.64 -3.48
CA ASP A 121 -21.23 -3.51 -3.67
C ASP A 121 -21.96 -3.82 -2.36
N TRP A 122 -21.56 -4.88 -1.67
CA TRP A 122 -22.14 -5.19 -0.37
C TRP A 122 -22.06 -3.96 0.53
N LEU A 123 -20.87 -3.37 0.63
CA LEU A 123 -20.61 -2.26 1.53
C LEU A 123 -21.34 -1.01 1.03
N GLY A 124 -21.35 -0.79 -0.30
CA GLY A 124 -22.12 0.27 -0.88
C GLY A 124 -23.59 0.19 -0.46
N LYS A 125 -24.15 -1.01 -0.50
CA LYS A 125 -25.55 -1.21 -0.13
C LYS A 125 -25.77 -1.01 1.37
N MET A 126 -24.84 -1.43 2.21
CA MET A 126 -24.92 -1.22 3.65
C MET A 126 -24.96 0.28 3.96
N LEU A 127 -24.21 1.09 3.19
CA LEU A 127 -24.16 2.53 3.38
C LEU A 127 -25.33 3.24 2.69
N GLN A 128 -26.16 2.47 1.98
CA GLN A 128 -27.19 3.03 1.13
C GLN A 128 -26.64 4.09 0.18
N LEU A 129 -25.50 3.82 -0.43
CA LEU A 129 -25.00 4.71 -1.45
C LEU A 129 -26.00 4.76 -2.60
N PRO A 130 -26.06 5.88 -3.33
CA PRO A 130 -26.81 5.91 -4.58
C PRO A 130 -26.26 4.80 -5.47
N GLU A 131 -27.15 4.27 -6.30
CA GLU A 131 -26.85 3.17 -7.19
C GLU A 131 -25.77 3.53 -8.18
N ALA A 132 -25.62 4.82 -8.49
CA ALA A 132 -24.59 5.27 -9.42
C ALA A 132 -23.20 4.81 -8.96
N PHE A 133 -23.03 4.55 -7.65
CA PHE A 133 -21.73 4.17 -7.15
C PHE A 133 -21.50 2.65 -7.17
N LEU A 134 -22.55 1.86 -7.49
CA LEU A 134 -22.45 0.41 -7.44
C LEU A 134 -22.13 -0.15 -8.82
N ALA A 135 -21.34 -1.22 -8.84
CA ALA A 135 -20.95 -1.87 -10.08
C ALA A 135 -22.11 -2.69 -10.61
N GLY A 136 -22.57 -3.65 -9.82
CA GLY A 136 -23.69 -4.49 -10.25
C GLY A 136 -23.38 -5.19 -11.57
N GLU A 137 -24.44 -5.39 -12.36
CA GLU A 137 -24.39 -6.09 -13.65
C GLU A 137 -23.94 -5.11 -14.72
N ALA A 138 -24.33 -3.82 -14.59
CA ALA A 138 -24.26 -2.90 -15.69
C ALA A 138 -23.94 -1.47 -15.25
N GLY A 139 -23.41 -1.27 -14.05
CA GLY A 139 -23.15 0.08 -13.57
C GLY A 139 -21.85 0.65 -14.18
N GLU A 140 -21.85 1.96 -14.47
CA GLU A 140 -20.66 2.64 -14.91
C GLU A 140 -19.70 2.89 -13.75
N GLY A 141 -20.24 2.87 -12.52
CA GLY A 141 -19.45 3.16 -11.34
C GLY A 141 -18.88 1.89 -10.72
N GLY A 142 -18.52 1.98 -9.46
CA GLY A 142 -17.97 0.85 -8.76
C GLY A 142 -16.94 1.29 -7.74
N GLY A 143 -16.49 0.29 -6.99
CA GLY A 143 -15.63 0.53 -5.88
C GLY A 143 -14.36 -0.30 -5.99
N VAL A 144 -13.39 0.14 -5.20
CA VAL A 144 -12.04 -0.40 -5.21
C VAL A 144 -11.52 -0.21 -3.79
N ILE A 145 -10.72 -1.18 -3.35
CA ILE A 145 -9.97 -1.03 -2.13
C ILE A 145 -8.71 -0.24 -2.46
N GLN A 146 -8.53 0.85 -1.73
CA GLN A 146 -7.27 1.57 -1.75
C GLN A 146 -6.49 1.19 -0.50
N GLY A 147 -5.20 1.46 -0.52
CA GLY A 147 -4.36 1.19 0.63
C GLY A 147 -4.74 2.06 1.82
N SER A 148 -5.22 3.27 1.55
CA SER A 148 -5.43 4.27 2.58
C SER A 148 -6.25 5.40 1.97
N ALA A 149 -6.85 6.21 2.84
CA ALA A 149 -7.61 7.38 2.43
C ALA A 149 -6.68 8.41 1.82
N SER A 150 -5.45 8.51 2.36
CA SER A 150 -4.47 9.42 1.79
C SER A 150 -4.24 9.10 0.32
N GLU A 151 -4.11 7.80 0.01
CA GLU A 151 -3.95 7.38 -1.38
C GLU A 151 -5.22 7.62 -2.21
N ALA A 152 -6.39 7.34 -1.62
CA ALA A 152 -7.66 7.54 -2.30
C ALA A 152 -7.79 8.99 -2.73
N THR A 153 -7.39 9.92 -1.84
CA THR A 153 -7.56 11.33 -2.13
C THR A 153 -6.66 11.71 -3.31
N LEU A 154 -5.45 11.17 -3.30
CA LEU A 154 -4.51 11.46 -4.35
C LEU A 154 -5.03 10.88 -5.67
N VAL A 155 -5.56 9.66 -5.61
CA VAL A 155 -6.12 9.06 -6.80
C VAL A 155 -7.21 9.94 -7.38
N ALA A 156 -8.14 10.38 -6.52
CA ALA A 156 -9.21 11.22 -6.99
C ALA A 156 -8.66 12.52 -7.57
N LEU A 157 -7.62 13.08 -6.94
CA LEU A 157 -7.10 14.35 -7.40
C LEU A 157 -6.51 14.19 -8.80
N LEU A 158 -5.78 13.11 -9.01
CA LEU A 158 -5.17 12.84 -10.30
C LEU A 158 -6.21 12.62 -11.38
N ALA A 159 -7.30 11.91 -11.05
CA ALA A 159 -8.38 11.71 -12.00
C ALA A 159 -8.99 13.06 -12.35
N ALA A 160 -9.23 13.86 -11.31
CA ALA A 160 -9.79 15.19 -11.50
C ALA A 160 -8.86 16.04 -12.36
N ARG A 161 -7.56 15.91 -12.12
CA ARG A 161 -6.58 16.71 -12.85
C ARG A 161 -6.60 16.34 -14.34
N THR A 162 -6.65 15.04 -14.63
CA THR A 162 -6.63 14.60 -16.01
C THR A 162 -7.90 15.07 -16.70
N LYS A 163 -9.00 14.98 -15.98
CA LYS A 163 -10.30 15.32 -16.53
C LYS A 163 -10.37 16.79 -16.95
N VAL A 164 -9.97 17.71 -16.05
CA VAL A 164 -10.07 19.13 -16.33
C VAL A 164 -9.05 19.48 -17.41
N VAL A 165 -7.91 18.79 -17.40
CA VAL A 165 -6.91 19.02 -18.42
C VAL A 165 -7.47 18.72 -19.81
N ARG A 166 -8.15 17.58 -19.94
CA ARG A 166 -8.74 17.18 -21.20
C ARG A 166 -9.85 18.13 -21.62
N ARG A 167 -10.66 18.56 -20.67
CA ARG A 167 -11.73 19.52 -20.96
C ARG A 167 -11.13 20.78 -21.57
N LEU A 168 -10.06 21.29 -20.97
CA LEU A 168 -9.42 22.49 -21.46
C LEU A 168 -8.73 22.25 -22.81
N GLN A 169 -8.08 21.10 -22.96
CA GLN A 169 -7.32 20.87 -24.17
C GLN A 169 -8.22 20.61 -25.36
N ALA A 170 -9.43 20.11 -25.10
CA ALA A 170 -10.42 19.93 -26.15
C ALA A 170 -10.72 21.28 -26.83
N ALA A 171 -10.86 22.33 -26.05
CA ALA A 171 -11.21 23.64 -26.58
C ALA A 171 -9.98 24.36 -27.11
N SER A 172 -8.79 24.09 -26.57
CA SER A 172 -7.57 24.77 -26.97
C SER A 172 -6.47 23.74 -27.19
N PRO A 173 -6.37 23.13 -28.39
CA PRO A 173 -5.49 21.96 -28.57
C PRO A 173 -4.01 22.26 -28.33
N GLY A 174 -3.59 23.55 -28.40
CA GLY A 174 -2.21 23.94 -28.16
C GLY A 174 -1.74 23.80 -26.70
N LEU A 175 -2.68 23.73 -25.76
CA LEU A 175 -2.45 23.88 -24.33
C LEU A 175 -1.70 22.67 -23.78
N THR A 176 -0.58 22.92 -23.11
CA THR A 176 0.20 21.84 -22.49
C THR A 176 -0.38 21.50 -21.13
N GLN A 177 -0.07 20.31 -20.64
CA GLN A 177 -0.43 19.93 -19.29
CA GLN A 177 -0.40 19.91 -19.30
C GLN A 177 0.11 20.98 -18.33
N GLY A 178 1.34 21.44 -18.56
CA GLY A 178 1.99 22.38 -17.65
C GLY A 178 1.28 23.73 -17.60
N ALA A 179 0.79 24.22 -18.74
CA ALA A 179 0.07 25.49 -18.77
C ALA A 179 -1.24 25.36 -18.02
N VAL A 180 -1.86 24.19 -18.09
CA VAL A 180 -3.10 23.97 -17.36
C VAL A 180 -2.82 23.92 -15.86
N LEU A 181 -1.77 23.20 -15.48
CA LEU A 181 -1.45 22.97 -14.09
C LEU A 181 -1.26 24.27 -13.34
N GLU A 182 -0.61 25.25 -13.98
CA GLU A 182 -0.39 26.54 -13.36
C GLU A 182 -1.72 27.17 -12.95
N LYS A 183 -2.82 26.88 -13.67
CA LYS A 183 -4.08 27.59 -13.43
C LYS A 183 -4.94 26.83 -12.42
N LEU A 184 -4.62 25.59 -12.09
CA LEU A 184 -5.59 24.76 -11.39
C LEU A 184 -5.56 25.08 -9.91
N VAL A 185 -6.73 24.97 -9.28
CA VAL A 185 -6.84 25.17 -7.86
C VAL A 185 -7.81 24.16 -7.28
N ALA A 186 -7.36 23.53 -6.18
CA ALA A 186 -8.14 22.60 -5.42
C ALA A 186 -8.52 23.22 -4.08
N TYR A 187 -9.62 22.76 -3.49
CA TYR A 187 -10.09 23.30 -2.24
C TYR A 187 -10.41 22.19 -1.26
N ALA A 188 -10.22 22.53 0.02
CA ALA A 188 -10.68 21.70 1.10
C ALA A 188 -10.93 22.60 2.30
N SER A 189 -11.60 22.06 3.30
CA SER A 189 -11.89 22.79 4.52
C SER A 189 -10.57 23.13 5.21
N ASP A 190 -10.57 24.20 6.00
CA ASP A 190 -9.47 24.48 6.92
C ASP A 190 -9.31 23.36 7.96
N GLN A 191 -10.30 22.48 8.12
CA GLN A 191 -10.18 21.31 8.98
C GLN A 191 -9.82 20.05 8.19
N ALA A 192 -9.52 20.15 6.88
CA ALA A 192 -9.22 18.94 6.12
C ALA A 192 -7.96 18.27 6.66
N HIS A 193 -7.88 16.96 6.50
CA HIS A 193 -6.71 16.18 6.89
C HIS A 193 -5.49 16.56 6.04
N SER A 194 -4.29 16.40 6.59
CA SER A 194 -3.07 16.81 5.89
C SER A 194 -2.84 15.98 4.62
N SER A 195 -3.51 14.83 4.51
CA SER A 195 -3.48 14.04 3.29
C SER A 195 -3.93 14.83 2.06
N VAL A 196 -4.78 15.83 2.28
CA VAL A 196 -5.26 16.65 1.18
C VAL A 196 -4.13 17.52 0.67
N GLU A 197 -3.38 18.15 1.58
CA GLU A 197 -2.26 18.99 1.20
C GLU A 197 -1.19 18.16 0.51
N ARG A 198 -0.94 16.95 1.02
CA ARG A 198 0.01 16.08 0.37
C ARG A 198 -0.44 15.78 -1.05
N ALA A 199 -1.72 15.52 -1.23
CA ALA A 199 -2.20 15.19 -2.58
C ALA A 199 -2.00 16.38 -3.49
N GLY A 200 -2.23 17.60 -2.96
CA GLY A 200 -2.05 18.79 -3.78
C GLY A 200 -0.58 18.99 -4.18
N LEU A 201 0.31 18.73 -3.24
CA LEU A 201 1.74 18.87 -3.49
C LEU A 201 2.20 17.87 -4.56
N ILE A 202 1.80 16.60 -4.43
CA ILE A 202 2.19 15.57 -5.39
C ILE A 202 1.55 15.83 -6.74
N GLY A 203 0.31 16.32 -6.72
CA GLY A 203 -0.45 16.59 -7.92
C GLY A 203 0.03 17.83 -8.65
N GLY A 204 0.84 18.65 -8.00
CA GLY A 204 1.40 19.82 -8.64
C GLY A 204 0.40 20.97 -8.74
N VAL A 205 -0.59 21.03 -7.83
CA VAL A 205 -1.63 22.06 -7.95
C VAL A 205 -1.66 22.91 -6.68
N LYS A 206 -2.19 24.12 -6.80
CA LYS A 206 -2.48 24.94 -5.64
C LYS A 206 -3.67 24.36 -4.89
N LEU A 207 -3.55 24.35 -3.56
CA LEU A 207 -4.60 23.90 -2.66
C LEU A 207 -4.92 25.07 -1.74
N LYS A 208 -6.20 25.46 -1.66
CA LYS A 208 -6.62 26.57 -0.83
C LYS A 208 -7.62 26.06 0.18
N ALA A 209 -7.54 26.58 1.40
CA ALA A 209 -8.40 26.16 2.48
C ALA A 209 -9.66 27.02 2.43
N ILE A 210 -10.82 26.43 2.59
CA ILE A 210 -12.04 27.18 2.75
C ILE A 210 -12.27 27.37 4.25
N PRO A 211 -12.46 28.61 4.73
CA PRO A 211 -12.79 28.85 6.14
C PRO A 211 -14.03 28.08 6.56
N SER A 212 -13.95 27.32 7.65
CA SER A 212 -15.12 26.61 8.14
C SER A 212 -16.03 27.54 8.95
N ASP A 213 -17.30 27.18 9.08
CA ASP A 213 -18.25 27.96 9.86
C ASP A 213 -18.06 27.66 11.36
N GLY A 214 -19.03 28.10 12.18
CA GLY A 214 -18.95 27.99 13.63
C GLY A 214 -19.04 26.54 14.11
N LYS A 215 -19.58 25.63 13.29
CA LYS A 215 -19.57 24.20 13.54
C LYS A 215 -18.45 23.47 12.80
N PHE A 216 -17.43 24.22 12.35
CA PHE A 216 -16.27 23.65 11.68
C PHE A 216 -16.65 22.89 10.41
N ALA A 217 -17.68 23.40 9.71
CA ALA A 217 -18.18 22.84 8.47
C ALA A 217 -17.85 23.76 7.30
N MET A 218 -17.58 23.16 6.15
CA MET A 218 -17.55 23.90 4.90
C MET A 218 -18.98 24.16 4.46
N ARG A 219 -19.23 25.40 4.03
CA ARG A 219 -20.55 25.84 3.61
C ARG A 219 -20.48 26.40 2.21
N ALA A 220 -21.63 26.41 1.53
CA ALA A 220 -21.76 27.00 0.21
C ALA A 220 -21.17 28.41 0.18
N SER A 221 -21.54 29.26 1.13
CA SER A 221 -21.19 30.67 0.98
C SER A 221 -19.68 30.84 0.98
N ALA A 222 -18.95 30.12 1.83
CA ALA A 222 -17.51 30.25 1.91
C ALA A 222 -16.83 29.67 0.66
N LEU A 223 -17.34 28.55 0.15
CA LEU A 223 -16.82 27.98 -1.08
C LEU A 223 -17.02 28.95 -2.25
N GLN A 224 -18.25 29.46 -2.37
CA GLN A 224 -18.65 30.30 -3.48
CA GLN A 224 -18.64 30.29 -3.48
C GLN A 224 -17.77 31.54 -3.50
N GLU A 225 -17.52 32.12 -2.33
CA GLU A 225 -16.66 33.29 -2.23
C GLU A 225 -15.26 33.00 -2.76
N ALA A 226 -14.69 31.85 -2.36
CA ALA A 226 -13.36 31.45 -2.80
C ALA A 226 -13.36 31.26 -4.31
N LEU A 227 -14.39 30.59 -4.83
CA LEU A 227 -14.47 30.30 -6.25
C LEU A 227 -14.49 31.60 -7.03
N GLU A 228 -15.29 32.57 -6.58
CA GLU A 228 -15.45 33.80 -7.36
C GLU A 228 -14.12 34.54 -7.38
N ARG A 229 -13.44 34.58 -6.23
CA ARG A 229 -12.18 35.29 -6.14
C ARG A 229 -11.16 34.62 -7.08
N ASP A 230 -11.09 33.29 -7.03
CA ASP A 230 -10.09 32.56 -7.79
C ASP A 230 -10.39 32.59 -9.29
N LYS A 231 -11.66 32.49 -9.67
CA LYS A 231 -11.99 32.55 -11.09
C LYS A 231 -11.63 33.92 -11.65
N ALA A 232 -11.86 34.99 -10.87
CA ALA A 232 -11.58 36.34 -11.32
C ALA A 232 -10.09 36.59 -11.45
N ALA A 233 -9.27 35.83 -10.71
CA ALA A 233 -7.83 35.90 -10.88
C ALA A 233 -7.38 35.01 -12.03
N GLY A 234 -8.29 34.32 -12.73
CA GLY A 234 -7.95 33.47 -13.86
C GLY A 234 -7.53 32.05 -13.45
N LEU A 235 -7.90 31.63 -12.25
CA LEU A 235 -7.61 30.28 -11.81
C LEU A 235 -8.79 29.40 -12.18
N ILE A 236 -8.57 28.09 -12.24
CA ILE A 236 -9.60 27.15 -12.60
C ILE A 236 -9.79 26.16 -11.48
N PRO A 237 -10.88 26.29 -10.69
CA PRO A 237 -11.25 25.30 -9.70
C PRO A 237 -11.46 23.94 -10.37
N PHE A 238 -10.85 22.86 -9.88
CA PHE A 238 -11.06 21.59 -10.52
C PHE A 238 -11.38 20.50 -9.52
N PHE A 239 -11.18 20.72 -8.22
CA PHE A 239 -11.31 19.65 -7.26
C PHE A 239 -11.62 20.19 -5.88
N VAL A 240 -12.58 19.56 -5.19
CA VAL A 240 -12.98 19.93 -3.86
C VAL A 240 -13.01 18.65 -3.05
N VAL A 241 -12.36 18.66 -1.88
CA VAL A 241 -12.55 17.61 -0.91
C VAL A 241 -13.45 18.13 0.19
N ALA A 242 -14.59 17.45 0.31
CA ALA A 242 -15.50 17.63 1.43
C ALA A 242 -15.18 16.51 2.42
N THR A 243 -15.07 16.90 3.69
CA THR A 243 -14.70 15.99 4.74
C THR A 243 -15.92 15.75 5.61
N LEU A 244 -16.28 14.46 5.78
CA LEU A 244 -17.29 14.05 6.75
C LEU A 244 -16.56 13.37 7.89
N GLY A 245 -16.46 14.08 9.02
CA GLY A 245 -15.76 13.59 10.20
C GLY A 245 -14.33 14.08 10.25
N THR A 246 -14.16 15.41 10.40
CA THR A 246 -12.83 15.99 10.49
C THR A 246 -12.08 15.43 11.70
N THR A 247 -10.77 15.40 11.58
CA THR A 247 -9.87 14.83 12.57
C THR A 247 -9.97 15.62 13.86
N SER A 248 -10.04 16.94 13.73
CA SER A 248 -9.97 17.80 14.89
C SER A 248 -11.16 17.53 15.81
N CYS A 249 -12.38 17.63 15.26
CA CYS A 249 -13.56 17.65 16.12
C CYS A 249 -14.72 16.86 15.52
N CYS A 250 -14.44 15.98 14.56
CA CYS A 250 -15.43 15.19 13.88
C CYS A 250 -16.64 16.02 13.46
N SER A 251 -16.35 17.11 12.75
CA SER A 251 -17.36 17.92 12.11
C SER A 251 -17.62 17.41 10.69
N PHE A 252 -18.64 17.96 10.03
CA PHE A 252 -19.17 17.43 8.79
C PHE A 252 -19.35 18.57 7.82
N ASP A 253 -18.64 18.52 6.70
CA ASP A 253 -18.88 19.45 5.61
C ASP A 253 -20.29 19.25 5.09
N ASN A 254 -20.88 20.32 4.59
CA ASN A 254 -22.25 20.31 4.14
C ASN A 254 -22.30 19.95 2.66
N LEU A 255 -22.46 18.66 2.37
CA LEU A 255 -22.53 18.14 1.01
C LEU A 255 -23.74 18.64 0.25
N LEU A 256 -24.88 18.85 0.94
CA LEU A 256 -26.07 19.32 0.25
C LEU A 256 -25.83 20.72 -0.30
N GLU A 257 -24.98 21.51 0.38
CA GLU A 257 -24.69 22.84 -0.11
C GLU A 257 -23.56 22.82 -1.14
N VAL A 258 -22.53 22.04 -0.88
CA VAL A 258 -21.33 22.05 -1.70
C VAL A 258 -21.53 21.31 -3.02
N GLY A 259 -22.34 20.25 -2.97
CA GLY A 259 -22.56 19.39 -4.12
C GLY A 259 -23.08 20.14 -5.34
N PRO A 260 -24.22 20.87 -5.24
CA PRO A 260 -24.75 21.61 -6.38
C PRO A 260 -23.74 22.58 -7.00
N ILE A 261 -22.93 23.21 -6.14
CA ILE A 261 -21.93 24.14 -6.61
C ILE A 261 -20.90 23.40 -7.46
N CYS A 262 -20.40 22.28 -6.97
CA CYS A 262 -19.41 21.50 -7.72
C CYS A 262 -20.03 20.99 -9.03
N HIS A 263 -21.30 20.64 -9.03
CA HIS A 263 -21.97 20.19 -10.23
C HIS A 263 -22.02 21.34 -11.25
N GLU A 264 -22.42 22.53 -10.81
CA GLU A 264 -22.61 23.64 -11.73
C GLU A 264 -21.28 24.13 -12.30
N GLU A 265 -20.21 24.02 -11.49
CA GLU A 265 -18.92 24.51 -11.90
C GLU A 265 -18.11 23.40 -12.53
N ASP A 266 -18.64 22.18 -12.56
CA ASP A 266 -17.96 21.02 -13.09
C ASP A 266 -16.63 20.82 -12.38
N ILE A 267 -16.70 20.85 -11.06
CA ILE A 267 -15.58 20.60 -10.17
C ILE A 267 -15.73 19.19 -9.65
N TRP A 268 -14.65 18.43 -9.68
CA TRP A 268 -14.71 17.10 -9.12
C TRP A 268 -14.89 17.19 -7.61
N LEU A 269 -15.90 16.51 -7.08
CA LEU A 269 -16.19 16.51 -5.65
C LEU A 269 -15.79 15.15 -5.09
N HIS A 270 -14.76 15.16 -4.25
CA HIS A 270 -14.31 13.98 -3.53
C HIS A 270 -14.76 14.10 -2.09
N VAL A 271 -15.39 13.05 -1.58
CA VAL A 271 -15.80 12.99 -0.19
C VAL A 271 -14.86 12.10 0.58
N ASP A 272 -14.16 12.71 1.54
CA ASP A 272 -13.32 12.03 2.51
C ASP A 272 -14.12 11.80 3.81
N ALA A 273 -14.55 10.56 4.03
CA ALA A 273 -15.24 10.21 5.26
C ALA A 273 -14.44 9.16 6.04
N ALA A 274 -13.12 9.34 6.10
CA ALA A 274 -12.23 8.29 6.56
C ALA A 274 -12.77 7.56 7.80
N TYR A 275 -13.04 8.34 8.85
CA TYR A 275 -13.51 7.79 10.11
C TYR A 275 -15.03 7.64 10.10
N ALA A 276 -15.73 8.75 9.85
CA ALA A 276 -17.15 8.83 10.10
C ALA A 276 -17.95 7.87 9.20
N GLY A 277 -17.37 7.52 8.06
CA GLY A 277 -18.09 6.78 7.04
C GLY A 277 -18.65 5.47 7.54
N SER A 278 -17.98 4.83 8.49
CA SER A 278 -18.43 3.56 9.03
C SER A 278 -19.81 3.71 9.68
N ALA A 279 -20.10 4.89 10.22
CA ALA A 279 -21.32 5.11 10.97
C ALA A 279 -22.52 5.14 10.03
N PHE A 280 -22.28 5.34 8.73
CA PHE A 280 -23.40 5.54 7.82
C PHE A 280 -24.10 4.23 7.49
N ILE A 281 -23.64 3.08 8.04
CA ILE A 281 -24.39 1.84 7.95
C ILE A 281 -25.53 1.82 8.97
N CYS A 282 -25.51 2.77 9.91
CA CYS A 282 -26.61 2.90 10.85
C CYS A 282 -27.59 3.97 10.35
N PRO A 283 -28.87 3.66 10.14
CA PRO A 283 -29.83 4.64 9.64
C PRO A 283 -29.83 5.98 10.36
N GLU A 284 -29.63 5.99 11.68
CA GLU A 284 -29.72 7.24 12.43
C GLU A 284 -28.55 8.18 12.08
N PHE A 285 -27.50 7.71 11.39
CA PHE A 285 -26.39 8.60 11.03
C PHE A 285 -26.33 8.87 9.52
N ARG A 286 -27.14 8.17 8.74
CA ARG A 286 -27.02 8.18 7.29
C ARG A 286 -27.33 9.58 6.73
N HIS A 287 -28.15 10.38 7.44
CA HIS A 287 -28.47 11.71 6.98
C HIS A 287 -27.20 12.56 6.77
N LEU A 288 -26.13 12.28 7.50
CA LEU A 288 -24.90 13.07 7.40
C LEU A 288 -24.23 12.88 6.04
N LEU A 289 -24.57 11.79 5.34
CA LEU A 289 -24.01 11.51 4.03
C LEU A 289 -24.89 12.05 2.90
N ASN A 290 -26.03 12.66 3.26
CA ASN A 290 -26.91 13.20 2.22
C ASN A 290 -26.15 14.19 1.35
N GLY A 291 -26.32 14.07 0.04
CA GLY A 291 -25.59 14.92 -0.87
C GLY A 291 -24.45 14.17 -1.54
N VAL A 292 -24.17 12.95 -1.09
CA VAL A 292 -23.10 12.17 -1.71
C VAL A 292 -23.44 11.87 -3.16
N GLU A 293 -24.72 11.96 -3.54
CA GLU A 293 -25.17 11.80 -4.91
C GLU A 293 -24.51 12.85 -5.81
N PHE A 294 -24.02 13.96 -5.24
CA PHE A 294 -23.32 14.95 -6.04
C PHE A 294 -21.84 14.63 -6.14
N ALA A 295 -21.32 13.68 -5.38
CA ALA A 295 -19.90 13.41 -5.37
C ALA A 295 -19.48 12.61 -6.60
N ASP A 296 -18.25 12.88 -7.07
CA ASP A 296 -17.62 12.09 -8.11
C ASP A 296 -16.97 10.85 -7.50
N SER A 297 -16.48 10.99 -6.27
CA SER A 297 -15.80 9.92 -5.59
C SER A 297 -16.10 10.02 -4.10
N PHE A 298 -16.16 8.88 -3.45
CA PHE A 298 -16.50 8.80 -2.05
C PHE A 298 -15.56 7.77 -1.46
N ASN A 299 -15.02 8.08 -0.29
CA ASN A 299 -14.03 7.24 0.35
C ASN A 299 -14.25 7.27 1.86
N PHE A 300 -14.11 6.11 2.48
CA PHE A 300 -13.93 6.02 3.92
C PHE A 300 -13.04 4.80 4.20
N ASN A 301 -12.58 4.67 5.45
CA ASN A 301 -11.67 3.63 5.86
C ASN A 301 -12.39 2.62 6.74
N PRO A 302 -12.73 1.44 6.20
CA PRO A 302 -13.06 0.30 7.05
C PRO A 302 -11.97 0.02 8.07
N HIS A 303 -10.72 0.39 7.76
CA HIS A 303 -9.58 0.15 8.64
C HIS A 303 -9.50 1.16 9.78
N LYS A 304 -10.45 2.09 9.84
CA LYS A 304 -10.61 2.89 11.03
C LYS A 304 -11.67 2.25 11.92
N TRP A 305 -12.93 2.34 11.47
CA TRP A 305 -14.05 2.13 12.36
C TRP A 305 -15.02 1.08 11.83
N LEU A 306 -14.56 0.13 11.01
CA LEU A 306 -15.44 -0.96 10.58
C LEU A 306 -14.72 -2.32 10.66
N LEU A 307 -13.71 -2.40 11.52
CA LEU A 307 -13.18 -3.67 12.00
C LEU A 307 -12.42 -4.43 10.91
N VAL A 308 -12.06 -3.73 9.84
CA VAL A 308 -11.30 -4.37 8.79
C VAL A 308 -9.86 -3.86 8.90
N ASN A 309 -8.98 -4.68 9.47
CA ASN A 309 -7.61 -4.33 9.76
C ASN A 309 -6.98 -3.65 8.57
N PHE A 310 -6.20 -2.62 8.86
CA PHE A 310 -5.39 -1.90 7.89
C PHE A 310 -4.56 -2.91 7.14
N ASP A 311 -4.48 -2.79 5.81
CA ASP A 311 -4.97 -1.71 4.96
C ASP A 311 -6.28 -2.13 4.29
N CYS A 312 -7.25 -1.22 4.36
CA CYS A 312 -8.48 -1.35 3.64
C CYS A 312 -9.22 -0.02 3.70
N SER A 313 -9.04 0.77 2.64
CA SER A 313 -9.78 2.01 2.39
C SER A 313 -10.73 1.76 1.24
N ALA A 314 -11.96 2.19 1.38
CA ALA A 314 -13.02 1.85 0.44
C ALA A 314 -13.37 3.09 -0.38
N MET A 315 -13.17 3.01 -1.70
CA MET A 315 -13.46 4.12 -2.58
C MET A 315 -14.41 3.69 -3.68
N TRP A 316 -15.39 4.54 -3.95
CA TRP A 316 -16.32 4.39 -5.04
C TRP A 316 -16.28 5.62 -5.94
N VAL A 317 -16.55 5.39 -7.21
CA VAL A 317 -16.71 6.44 -8.20
C VAL A 317 -18.03 6.18 -8.91
N LYS A 318 -18.58 7.23 -9.53
CA LYS A 318 -19.76 7.10 -10.38
C LYS A 318 -19.38 6.68 -11.80
N ARG A 319 -18.15 7.00 -12.23
CA ARG A 319 -17.78 6.85 -13.62
C ARG A 319 -16.39 6.30 -13.68
N ARG A 320 -16.28 4.98 -13.86
CA ARG A 320 -14.99 4.34 -13.86
C ARG A 320 -14.07 4.94 -14.93
N THR A 321 -14.60 5.41 -16.07
CA THR A 321 -13.70 5.92 -17.10
C THR A 321 -13.09 7.26 -16.64
N ASP A 322 -13.75 8.02 -15.76
CA ASP A 322 -13.14 9.21 -15.19
C ASP A 322 -11.92 8.83 -14.35
N LEU A 323 -12.00 7.67 -13.71
CA LEU A 323 -10.91 7.25 -12.85
C LEU A 323 -9.82 6.60 -13.67
N THR A 324 -10.20 5.68 -14.54
CA THR A 324 -9.25 4.85 -15.25
C THR A 324 -8.50 5.69 -16.29
N GLY A 325 -9.07 6.82 -16.72
CA GLY A 325 -8.46 7.70 -17.71
C GLY A 325 -7.15 8.32 -17.19
N ALA A 326 -7.08 8.55 -15.88
CA ALA A 326 -5.89 9.06 -15.23
C ALA A 326 -4.69 8.11 -15.32
N PHE A 327 -4.90 6.80 -15.47
CA PHE A 327 -3.85 5.82 -15.26
C PHE A 327 -3.52 5.04 -16.52
N LYS A 328 -3.90 5.52 -17.72
CA LYS A 328 -3.62 4.77 -18.94
C LYS A 328 -2.59 5.45 -19.85
N SER A 341 -18.68 -1.22 -18.33
CA SER A 341 -19.67 -1.25 -17.22
C SER A 341 -19.85 -2.65 -16.57
N GLY A 342 -20.39 -2.64 -15.35
CA GLY A 342 -20.59 -3.84 -14.55
C GLY A 342 -19.26 -4.40 -14.03
N LEU A 343 -18.87 -5.54 -14.62
CA LEU A 343 -17.71 -6.30 -14.21
C LEU A 343 -16.46 -5.42 -14.35
N ILE A 344 -15.67 -5.41 -13.28
CA ILE A 344 -14.36 -4.78 -13.33
C ILE A 344 -13.33 -5.89 -13.45
N THR A 345 -12.48 -5.79 -14.47
CA THR A 345 -11.38 -6.76 -14.61
C THR A 345 -10.00 -6.17 -14.31
N ASP A 346 -9.86 -4.84 -14.11
CA ASP A 346 -8.61 -4.14 -14.30
C ASP A 346 -8.39 -3.10 -13.20
N TYR A 347 -8.32 -3.57 -11.96
CA TYR A 347 -8.16 -2.64 -10.86
C TYR A 347 -6.84 -1.85 -10.89
N ARG A 348 -5.91 -2.23 -11.75
CA ARG A 348 -4.63 -1.54 -11.79
C ARG A 348 -4.81 -0.12 -12.31
N HIS A 349 -5.94 0.19 -12.94
CA HIS A 349 -6.22 1.51 -13.44
C HIS A 349 -7.05 2.31 -12.45
N TRP A 350 -7.25 1.76 -11.25
CA TRP A 350 -8.08 2.40 -10.25
C TRP A 350 -7.24 2.86 -9.07
N GLN A 351 -5.92 2.63 -9.13
CA GLN A 351 -5.06 2.85 -7.98
C GLN A 351 -3.65 3.18 -8.45
N LEU A 352 -2.82 3.66 -7.53
CA LEU A 352 -1.45 4.06 -7.84
C LEU A 352 -0.57 2.85 -8.08
N PRO A 353 -0.50 1.84 -7.20
CA PRO A 353 0.36 0.68 -7.44
C PRO A 353 -0.23 -0.17 -8.56
N LEU A 354 0.60 -1.06 -9.12
CA LEU A 354 0.14 -2.09 -10.05
C LEU A 354 -0.29 -3.34 -9.28
N GLY A 355 0.51 -3.72 -8.29
CA GLY A 355 0.27 -4.91 -7.50
C GLY A 355 -0.74 -4.63 -6.40
N ARG A 356 -1.33 -5.72 -5.95
CA ARG A 356 -2.23 -5.68 -4.82
C ARG A 356 -2.42 -7.10 -4.32
N ARG A 357 -2.77 -7.20 -3.04
CA ARG A 357 -3.08 -8.50 -2.49
C ARG A 357 -4.60 -8.62 -2.31
N PHE A 358 -5.02 -9.78 -1.84
CA PHE A 358 -6.41 -10.19 -1.79
C PHE A 358 -7.06 -9.64 -0.53
N ARG A 359 -7.10 -8.31 -0.45
CA ARG A 359 -7.56 -7.63 0.73
C ARG A 359 -9.06 -7.80 0.91
N SER A 360 -9.78 -8.11 -0.18
CA SER A 360 -11.24 -8.19 -0.10
C SER A 360 -11.66 -9.36 0.79
N LEU A 361 -10.78 -10.35 1.00
CA LEU A 361 -11.03 -11.42 1.94
C LEU A 361 -11.35 -10.86 3.33
N LYS A 362 -10.65 -9.81 3.74
CA LYS A 362 -10.85 -9.22 5.05
C LYS A 362 -12.27 -8.67 5.17
N MET A 363 -12.76 -8.03 4.11
CA MET A 363 -14.09 -7.48 4.13
C MET A 363 -15.10 -8.60 4.22
N TRP A 364 -14.92 -9.62 3.39
CA TRP A 364 -15.85 -10.74 3.34
C TRP A 364 -15.96 -11.43 4.71
N PHE A 365 -14.80 -11.70 5.34
CA PHE A 365 -14.80 -12.35 6.63
C PHE A 365 -15.47 -11.47 7.67
N VAL A 366 -15.13 -10.19 7.70
CA VAL A 366 -15.68 -9.32 8.72
C VAL A 366 -17.18 -9.21 8.54
N PHE A 367 -17.62 -8.94 7.31
CA PHE A 367 -19.04 -8.76 7.05
C PHE A 367 -19.83 -10.02 7.36
N ARG A 368 -19.24 -11.18 7.07
CA ARG A 368 -19.98 -12.42 7.26
C ARG A 368 -19.96 -12.86 8.72
N MET A 369 -18.88 -12.58 9.44
CA MET A 369 -18.77 -13.07 10.81
C MET A 369 -19.44 -12.14 11.80
N TYR A 370 -19.51 -10.85 11.50
CA TYR A 370 -20.24 -9.94 12.34
C TYR A 370 -21.70 -9.87 11.89
N GLY A 371 -21.93 -9.87 10.58
CA GLY A 371 -23.22 -9.51 10.06
C GLY A 371 -23.38 -8.00 10.12
N VAL A 372 -24.32 -7.46 9.33
CA VAL A 372 -24.61 -6.04 9.38
C VAL A 372 -24.98 -5.66 10.81
N LYS A 373 -25.83 -6.45 11.46
CA LYS A 373 -26.33 -6.15 12.79
C LYS A 373 -25.18 -6.06 13.80
N GLY A 374 -24.21 -6.98 13.71
CA GLY A 374 -23.05 -6.94 14.59
C GLY A 374 -22.23 -5.65 14.40
N LEU A 375 -22.05 -5.25 13.15
CA LEU A 375 -21.31 -4.03 12.86
C LEU A 375 -22.09 -2.82 13.36
N GLN A 376 -23.41 -2.82 13.20
CA GLN A 376 -24.20 -1.71 13.68
C GLN A 376 -24.10 -1.61 15.20
N ALA A 377 -24.07 -2.75 15.88
CA ALA A 377 -24.04 -2.75 17.33
C ALA A 377 -22.71 -2.19 17.84
N TYR A 378 -21.63 -2.51 17.12
CA TYR A 378 -20.30 -2.02 17.42
C TYR A 378 -20.23 -0.50 17.35
N ILE A 379 -20.75 0.06 16.25
CA ILE A 379 -20.75 1.50 16.04
C ILE A 379 -21.56 2.15 17.15
N ARG A 380 -22.77 1.65 17.39
CA ARG A 380 -23.70 2.25 18.33
C ARG A 380 -23.14 2.20 19.75
N LYS A 381 -22.38 1.15 20.07
CA LYS A 381 -21.83 1.05 21.42
C LYS A 381 -20.77 2.14 21.61
N HIS A 382 -19.94 2.34 20.58
CA HIS A 382 -18.91 3.36 20.63
C HIS A 382 -19.52 4.74 20.78
N VAL A 383 -20.63 4.98 20.09
CA VAL A 383 -21.26 6.29 20.14
C VAL A 383 -21.89 6.48 21.52
N GLN A 384 -22.47 5.43 22.06
CA GLN A 384 -22.99 5.55 23.41
C GLN A 384 -21.89 5.92 24.41
N LEU A 385 -20.72 5.28 24.29
CA LEU A 385 -19.64 5.48 25.23
C LEU A 385 -19.12 6.92 25.11
N SER A 386 -19.05 7.39 23.87
CA SER A 386 -18.71 8.78 23.57
C SER A 386 -19.62 9.71 24.34
N HIS A 387 -20.93 9.48 24.24
CA HIS A 387 -21.88 10.33 24.93
C HIS A 387 -21.80 10.15 26.44
N GLU A 388 -21.40 8.98 26.92
CA GLU A 388 -21.22 8.80 28.35
C GLU A 388 -20.08 9.68 28.85
N PHE A 389 -19.00 9.78 28.07
CA PHE A 389 -17.90 10.65 28.40
C PHE A 389 -18.35 12.10 28.32
N GLU A 390 -19.07 12.45 27.26
CA GLU A 390 -19.62 13.80 27.15
C GLU A 390 -20.45 14.15 28.38
N ALA A 391 -21.27 13.22 28.86
CA ALA A 391 -22.16 13.50 29.97
C ALA A 391 -21.35 13.85 31.21
N PHE A 392 -20.21 13.17 31.40
CA PHE A 392 -19.33 13.46 32.53
C PHE A 392 -18.83 14.89 32.44
N VAL A 393 -18.34 15.24 31.26
CA VAL A 393 -17.74 16.55 31.09
C VAL A 393 -18.79 17.64 31.29
N LEU A 394 -20.00 17.46 30.72
CA LEU A 394 -21.06 18.45 30.80
C LEU A 394 -21.47 18.72 32.24
N GLN A 395 -21.29 17.75 33.13
CA GLN A 395 -21.81 17.90 34.48
C GLN A 395 -20.72 18.44 35.39
N ASP A 396 -19.50 18.63 34.87
CA ASP A 396 -18.44 19.24 35.66
C ASP A 396 -18.26 20.69 35.23
N PRO A 397 -18.59 21.67 36.10
CA PRO A 397 -18.52 23.07 35.67
C PRO A 397 -17.11 23.62 35.48
N ARG A 398 -16.06 22.85 35.82
CA ARG A 398 -14.69 23.26 35.53
C ARG A 398 -14.34 23.01 34.07
N PHE A 399 -15.12 22.18 33.38
CA PHE A 399 -14.80 21.79 32.01
C PHE A 399 -15.83 22.31 31.02
N GLU A 400 -15.51 22.21 29.74
CA GLU A 400 -16.44 22.53 28.69
C GLU A 400 -16.23 21.54 27.55
N VAL A 401 -17.32 21.26 26.85
CA VAL A 401 -17.27 20.53 25.61
C VAL A 401 -17.19 21.55 24.49
N CYS A 402 -16.29 21.33 23.54
CA CYS A 402 -15.86 22.36 22.62
C CYS A 402 -16.51 22.23 21.25
N ALA A 403 -17.21 21.12 21.00
CA ALA A 403 -17.85 20.90 19.72
C ALA A 403 -18.94 19.87 19.91
N GLU A 404 -19.87 19.84 18.96
CA GLU A 404 -20.96 18.89 19.00
C GLU A 404 -20.41 17.48 18.91
N VAL A 405 -20.94 16.61 19.79
CA VAL A 405 -20.53 15.22 19.81
C VAL A 405 -21.53 14.41 18.99
N THR A 406 -21.09 13.83 17.88
CA THR A 406 -21.96 13.05 17.02
C THR A 406 -21.55 11.59 17.01
N LEU A 407 -20.24 11.36 16.94
CA LEU A 407 -19.73 10.02 16.85
C LEU A 407 -18.81 9.77 18.03
N GLY A 408 -17.71 9.03 17.85
CA GLY A 408 -16.92 8.55 18.97
C GLY A 408 -15.81 9.51 19.41
N LEU A 409 -16.02 10.82 19.24
CA LEU A 409 -15.03 11.80 19.63
C LEU A 409 -15.69 12.91 20.46
N VAL A 410 -15.07 13.18 21.60
CA VAL A 410 -15.40 14.35 22.40
C VAL A 410 -14.19 15.29 22.49
N CYS A 411 -14.41 16.54 22.15
CA CYS A 411 -13.43 17.58 22.36
C CYS A 411 -13.80 18.36 23.61
N PHE A 412 -12.83 18.52 24.51
CA PHE A 412 -13.12 19.12 25.79
C PHE A 412 -11.89 19.87 26.31
N ARG A 413 -12.12 20.73 27.28
CA ARG A 413 -11.04 21.45 27.90
C ARG A 413 -11.50 21.88 29.29
N LEU A 414 -10.49 22.09 30.14
CA LEU A 414 -10.64 22.89 31.34
C LEU A 414 -10.93 24.33 30.95
N LYS A 415 -11.95 24.93 31.57
CA LYS A 415 -12.15 26.35 31.39
C LYS A 415 -10.92 27.03 31.97
N GLY A 416 -10.40 27.97 31.20
CA GLY A 416 -9.18 28.69 31.54
C GLY A 416 -8.26 28.71 30.33
N SER A 417 -6.99 28.97 30.59
CA SER A 417 -6.05 29.27 29.51
C SER A 417 -5.66 28.00 28.79
N ASP A 418 -5.07 28.20 27.62
CA ASP A 418 -4.43 27.15 26.87
C ASP A 418 -3.34 26.51 27.71
N GLY A 419 -2.61 27.33 28.47
CA GLY A 419 -1.51 26.81 29.25
C GLY A 419 -1.97 25.78 30.28
N LEU A 420 -3.12 26.06 30.91
CA LEU A 420 -3.70 25.17 31.90
C LEU A 420 -4.00 23.83 31.24
N ASN A 421 -4.53 23.89 30.01
CA ASN A 421 -4.92 22.69 29.29
C ASN A 421 -3.69 21.93 28.78
N GLU A 422 -2.67 22.67 28.34
CA GLU A 422 -1.41 22.04 27.97
C GLU A 422 -0.85 21.34 29.21
N ALA A 423 -0.94 21.99 30.37
CA ALA A 423 -0.40 21.34 31.55
C ALA A 423 -1.22 20.09 31.89
N LEU A 424 -2.54 20.17 31.73
CA LEU A 424 -3.39 19.02 32.00
C LEU A 424 -2.98 17.84 31.13
N LEU A 425 -2.84 18.09 29.82
CA LEU A 425 -2.39 17.06 28.87
C LEU A 425 -1.06 16.45 29.30
N GLU A 426 -0.11 17.29 29.72
CA GLU A 426 1.18 16.81 30.12
C GLU A 426 1.02 15.88 31.31
N ARG A 427 0.17 16.24 32.28
CA ARG A 427 -0.03 15.40 33.46
C ARG A 427 -0.65 14.05 33.07
N ILE A 428 -1.59 14.05 32.14
CA ILE A 428 -2.23 12.83 31.69
C ILE A 428 -1.18 11.91 31.03
N ASN A 429 -0.40 12.47 30.09
CA ASN A 429 0.65 11.75 29.39
C ASN A 429 1.67 11.17 30.37
N SER A 430 2.10 12.00 31.32
CA SER A 430 3.06 11.60 32.33
C SER A 430 2.53 10.45 33.18
N ALA A 431 1.24 10.46 33.53
CA ALA A 431 0.73 9.45 34.45
C ALA A 431 0.70 8.08 33.80
N ARG A 432 0.66 8.04 32.47
CA ARG A 432 0.75 6.80 31.72
C ARG A 432 -0.42 5.85 31.93
N LYS A 433 -1.60 6.32 32.34
CA LYS A 433 -2.76 5.44 32.50
C LYS A 433 -3.52 5.38 31.18
N ILE A 434 -3.74 6.55 30.58
CA ILE A 434 -4.49 6.65 29.34
C ILE A 434 -3.67 7.49 28.38
N HIS A 435 -4.01 7.36 27.10
CA HIS A 435 -3.36 8.14 26.07
C HIS A 435 -4.42 8.85 25.24
N LEU A 436 -4.22 10.17 25.06
CA LEU A 436 -5.09 11.16 24.43
C LEU A 436 -4.18 12.05 23.59
N VAL A 437 -4.71 12.75 22.59
CA VAL A 437 -3.92 13.79 21.97
C VAL A 437 -4.76 15.06 21.88
N PRO A 438 -4.10 16.23 21.71
CA PRO A 438 -4.80 17.50 21.62
C PRO A 438 -5.05 17.91 20.17
N CYS A 439 -5.78 18.99 19.97
CA CYS A 439 -5.84 19.69 18.71
CA CYS A 439 -5.79 19.71 18.70
C CYS A 439 -5.98 21.18 19.04
N ARG A 440 -5.92 22.02 18.01
CA ARG A 440 -6.28 23.41 18.12
C ARG A 440 -7.60 23.61 17.38
N LEU A 441 -8.57 24.23 18.04
CA LEU A 441 -9.79 24.65 17.37
C LEU A 441 -9.89 26.16 17.49
N ARG A 442 -9.70 26.86 16.35
CA ARG A 442 -9.73 28.32 16.33
C ARG A 442 -8.75 28.84 17.38
N GLY A 443 -7.48 28.41 17.24
CA GLY A 443 -6.40 28.92 18.07
C GLY A 443 -6.43 28.38 19.51
N GLN A 444 -7.51 27.70 19.88
CA GLN A 444 -7.72 27.23 21.25
C GLN A 444 -7.19 25.81 21.40
N PHE A 445 -6.52 25.53 22.52
CA PHE A 445 -5.97 24.21 22.78
C PHE A 445 -7.08 23.35 23.38
N VAL A 446 -7.30 22.19 22.78
CA VAL A 446 -8.40 21.33 23.12
C VAL A 446 -7.88 19.90 23.27
N LEU A 447 -8.42 19.17 24.26
CA LEU A 447 -8.14 17.75 24.41
C LEU A 447 -9.18 16.96 23.62
N ARG A 448 -8.69 15.92 22.94
CA ARG A 448 -9.58 15.01 22.23
C ARG A 448 -9.66 13.71 23.00
N PHE A 449 -10.89 13.21 23.15
CA PHE A 449 -11.15 11.89 23.69
C PHE A 449 -11.84 11.09 22.61
N ALA A 450 -11.11 10.13 22.05
CA ALA A 450 -11.63 9.27 21.00
C ALA A 450 -11.83 7.87 21.54
N ILE A 451 -13.01 7.31 21.29
CA ILE A 451 -13.31 5.93 21.59
C ILE A 451 -12.66 5.08 20.51
N CYS A 452 -11.70 4.21 20.88
CA CYS A 452 -10.89 3.52 19.90
C CYS A 452 -11.06 2.01 19.97
N SER A 453 -10.70 1.41 21.10
CA SER A 453 -10.57 -0.02 21.21
C SER A 453 -11.91 -0.71 20.94
N ARG A 454 -11.84 -1.87 20.26
CA ARG A 454 -12.97 -2.78 20.14
C ARG A 454 -13.48 -3.15 21.53
N LYS A 455 -12.60 -3.17 22.54
CA LYS A 455 -12.96 -3.73 23.84
C LYS A 455 -13.26 -2.66 24.89
N VAL A 456 -13.35 -1.39 24.51
CA VAL A 456 -13.67 -0.36 25.50
C VAL A 456 -15.10 -0.60 26.01
N GLU A 457 -15.30 -0.41 27.31
CA GLU A 457 -16.58 -0.54 27.99
C GLU A 457 -16.83 0.73 28.79
N SER A 458 -18.04 0.89 29.35
CA SER A 458 -18.37 2.01 30.20
C SER A 458 -17.33 2.19 31.31
N GLY A 459 -16.93 1.07 31.91
CA GLY A 459 -16.05 1.10 33.06
C GLY A 459 -14.75 1.82 32.71
N HIS A 460 -14.25 1.59 31.49
CA HIS A 460 -13.00 2.19 31.07
C HIS A 460 -13.17 3.69 30.92
N VAL A 461 -14.29 4.10 30.35
CA VAL A 461 -14.57 5.51 30.14
C VAL A 461 -14.71 6.21 31.48
N ARG A 462 -15.40 5.58 32.43
CA ARG A 462 -15.60 6.18 33.74
C ARG A 462 -14.25 6.33 34.43
N LEU A 463 -13.41 5.27 34.41
CA LEU A 463 -12.12 5.38 35.08
CA LEU A 463 -12.08 5.32 35.03
C LEU A 463 -11.26 6.41 34.35
N ALA A 464 -11.34 6.52 33.02
CA ALA A 464 -10.57 7.54 32.32
C ALA A 464 -11.00 8.93 32.78
N TRP A 465 -12.30 9.15 32.92
CA TRP A 465 -12.81 10.44 33.33
C TRP A 465 -12.40 10.77 34.77
N GLU A 466 -12.49 9.79 35.66
CA GLU A 466 -12.12 10.00 37.04
C GLU A 466 -10.64 10.36 37.13
N HIS A 467 -9.81 9.64 36.39
CA HIS A 467 -8.40 9.96 36.23
C HIS A 467 -8.18 11.39 35.73
N ILE A 468 -8.88 11.78 34.66
CA ILE A 468 -8.74 13.13 34.15
C ILE A 468 -9.21 14.15 35.18
N ARG A 469 -10.31 13.87 35.86
CA ARG A 469 -10.90 14.85 36.75
C ARG A 469 -9.97 15.06 37.93
N GLY A 470 -9.32 13.98 38.37
CA GLY A 470 -8.45 14.03 39.53
C GLY A 470 -7.20 14.85 39.25
N LEU A 471 -6.64 14.67 38.04
CA LEU A 471 -5.49 15.44 37.62
C LEU A 471 -5.85 16.92 37.53
N ALA A 472 -6.99 17.21 36.90
CA ALA A 472 -7.45 18.59 36.80
C ALA A 472 -7.59 19.21 38.18
N ALA A 473 -8.07 18.45 39.16
CA ALA A 473 -8.27 18.99 40.48
C ALA A 473 -6.92 19.39 41.08
N GLU A 474 -5.91 18.54 40.94
CA GLU A 474 -4.59 18.83 41.49
C GLU A 474 -4.03 20.07 40.81
N LEU A 475 -4.19 20.14 39.49
CA LEU A 475 -3.66 21.24 38.72
C LEU A 475 -4.28 22.56 39.16
N LEU A 476 -5.61 22.58 39.33
CA LEU A 476 -6.34 23.78 39.67
C LEU A 476 -6.03 24.25 41.10
N ALA A 477 -5.84 23.33 42.04
CA ALA A 477 -5.44 23.69 43.40
C ALA A 477 -4.06 24.35 43.39
N ALA A 478 -3.12 23.75 42.65
CA ALA A 478 -1.74 24.21 42.52
C ALA A 478 -1.65 25.65 41.99
N GLU A 479 -2.58 26.06 41.10
CA GLU A 479 -2.54 27.38 40.49
C GLU A 479 -2.77 28.46 41.58
C ACE B 1 -17.68 -12.57 16.40
O ACE B 1 -17.86 -13.69 15.92
CH3 ACE B 1 -18.58 -11.42 16.06
N MET B 2 -16.67 -12.32 17.24
CA MET B 2 -15.67 -13.32 17.53
C MET B 2 -14.69 -12.78 18.60
N ASN B 3 -14.52 -13.57 19.76
CA ASN B 3 -13.60 -13.18 20.86
C ASN B 3 -12.32 -14.00 20.74
N ALA B 4 -11.40 -13.76 21.69
CA ALA B 4 -10.08 -14.35 21.70
C ALA B 4 -10.20 -15.87 21.73
N SER B 5 -11.14 -16.33 22.51
CA SER B 5 -11.31 -17.75 22.72
C SER B 5 -11.72 -18.43 21.41
N ASP B 6 -12.64 -17.85 20.64
CA ASP B 6 -13.02 -18.44 19.37
C ASP B 6 -11.86 -18.32 18.37
N PHE B 7 -11.09 -17.24 18.48
CA PHE B 7 -9.99 -17.05 17.58
C PHE B 7 -8.91 -18.09 17.85
N ARG B 8 -8.72 -18.49 19.10
CA ARG B 8 -7.73 -19.50 19.42
C ARG B 8 -8.09 -20.79 18.68
N ARG B 9 -9.37 -21.09 18.61
CA ARG B 9 -9.81 -22.29 17.91
C ARG B 9 -9.72 -22.11 16.39
N ARG B 10 -10.31 -21.04 15.85
CA ARG B 10 -10.42 -20.88 14.41
C ARG B 10 -9.08 -20.50 13.78
N GLY B 11 -8.31 -19.70 14.50
CA GLY B 11 -6.96 -19.36 14.11
C GLY B 11 -6.14 -20.61 13.84
N LYS B 12 -6.26 -21.59 14.74
CA LYS B 12 -5.52 -22.83 14.58
C LYS B 12 -6.08 -23.64 13.42
N GLU B 13 -7.41 -23.62 13.24
CA GLU B 13 -8.00 -24.25 12.08
C GLU B 13 -7.47 -23.61 10.82
N MET B 14 -7.38 -22.27 10.82
CA MET B 14 -6.93 -21.55 9.64
C MET B 14 -5.47 -21.92 9.36
N VAL B 15 -4.65 -22.10 10.40
CA VAL B 15 -3.26 -22.47 10.20
C VAL B 15 -3.20 -23.78 9.44
N ASP B 16 -4.02 -24.74 9.84
CA ASP B 16 -4.05 -26.02 9.17
C ASP B 16 -4.55 -25.91 7.74
N TYR B 17 -5.53 -25.01 7.50
CA TYR B 17 -6.09 -24.84 6.17
C TYR B 17 -4.99 -24.31 5.26
N MET B 18 -4.25 -23.30 5.74
CA MET B 18 -3.16 -22.67 5.03
C MET B 18 -2.09 -23.71 4.69
N ALA B 19 -1.71 -24.52 5.67
CA ALA B 19 -0.64 -25.48 5.48
C ALA B 19 -1.12 -26.55 4.49
N ASP B 20 -2.38 -26.99 4.62
CA ASP B 20 -2.91 -27.99 3.70
C ASP B 20 -2.91 -27.44 2.27
N TYR B 21 -3.25 -26.16 2.11
CA TYR B 21 -3.32 -25.55 0.80
C TYR B 21 -1.93 -25.59 0.18
N LEU B 22 -0.92 -25.10 0.88
CA LEU B 22 0.41 -25.01 0.30
C LEU B 22 1.06 -26.38 0.14
N GLU B 23 0.76 -27.31 1.05
CA GLU B 23 1.35 -28.63 0.97
C GLU B 23 0.74 -29.40 -0.21
N GLY B 24 -0.57 -29.28 -0.41
CA GLY B 24 -1.25 -30.02 -1.45
C GLY B 24 -1.30 -29.29 -2.79
N ILE B 25 -0.55 -28.18 -2.94
CA ILE B 25 -0.78 -27.25 -4.03
C ILE B 25 -0.44 -27.84 -5.41
N GLU B 26 0.43 -28.86 -5.48
CA GLU B 26 0.72 -29.54 -6.73
C GLU B 26 -0.52 -30.15 -7.34
N GLY B 27 -1.46 -30.56 -6.49
CA GLY B 27 -2.67 -31.19 -6.98
C GLY B 27 -3.67 -30.17 -7.52
N ARG B 28 -3.36 -28.88 -7.48
CA ARG B 28 -4.27 -27.90 -8.04
C ARG B 28 -3.89 -27.62 -9.48
N GLN B 29 -4.90 -27.34 -10.29
CA GLN B 29 -4.65 -26.79 -11.61
C GLN B 29 -4.17 -25.34 -11.44
N VAL B 30 -3.03 -25.02 -12.05
CA VAL B 30 -2.38 -23.76 -11.79
C VAL B 30 -3.26 -22.57 -12.20
N TYR B 31 -3.77 -22.63 -13.42
CA TYR B 31 -4.46 -21.51 -14.03
C TYR B 31 -5.93 -21.90 -14.13
N PRO B 32 -6.84 -21.00 -13.75
CA PRO B 32 -8.25 -21.35 -13.64
C PRO B 32 -8.97 -21.37 -14.98
N ASP B 33 -10.10 -22.07 -15.02
CA ASP B 33 -10.88 -22.16 -16.23
C ASP B 33 -12.08 -21.23 -16.20
N VAL B 34 -12.28 -20.54 -15.11
CA VAL B 34 -13.40 -19.62 -14.91
C VAL B 34 -13.32 -18.46 -15.88
N GLN B 35 -14.46 -17.97 -16.33
CA GLN B 35 -14.59 -16.83 -17.21
C GLN B 35 -14.82 -15.60 -16.36
N PRO B 36 -14.45 -14.40 -16.85
CA PRO B 36 -14.68 -13.15 -16.14
C PRO B 36 -16.14 -13.02 -15.75
N GLY B 37 -16.40 -12.71 -14.49
CA GLY B 37 -17.77 -12.52 -14.03
C GLY B 37 -18.35 -13.78 -13.37
N TYR B 38 -17.53 -14.82 -13.18
CA TYR B 38 -18.01 -16.10 -12.64
C TYR B 38 -18.54 -15.96 -11.20
N LEU B 39 -17.99 -15.04 -10.41
CA LEU B 39 -18.16 -15.08 -8.98
C LEU B 39 -19.51 -14.52 -8.55
N ARG B 40 -19.93 -13.41 -9.15
CA ARG B 40 -21.05 -12.65 -8.61
C ARG B 40 -22.28 -13.55 -8.42
N PRO B 41 -22.68 -14.41 -9.38
CA PRO B 41 -23.88 -15.22 -9.21
C PRO B 41 -23.77 -16.28 -8.13
N LEU B 42 -22.57 -16.57 -7.65
CA LEU B 42 -22.35 -17.68 -6.73
C LEU B 42 -22.44 -17.23 -5.28
N ILE B 43 -22.42 -15.91 -5.03
CA ILE B 43 -22.53 -15.45 -3.67
C ILE B 43 -23.65 -14.44 -3.58
N PRO B 44 -24.20 -14.17 -2.38
CA PRO B 44 -25.33 -13.27 -2.26
C PRO B 44 -25.04 -11.84 -2.69
N ALA B 45 -26.11 -11.11 -2.96
CA ALA B 45 -26.06 -9.75 -3.50
C ALA B 45 -25.88 -8.72 -2.39
N THR B 46 -26.04 -9.18 -1.15
CA THR B 46 -26.14 -8.38 0.05
C THR B 46 -25.29 -9.06 1.14
N ALA B 47 -24.66 -8.27 2.03
CA ALA B 47 -24.10 -8.81 3.26
C ALA B 47 -25.18 -9.48 4.11
N PRO B 48 -24.86 -10.50 4.92
CA PRO B 48 -25.84 -11.09 5.83
C PRO B 48 -26.12 -10.15 7.00
N GLN B 49 -27.36 -10.13 7.46
CA GLN B 49 -27.78 -9.40 8.63
C GLN B 49 -27.16 -10.01 9.89
N GLU B 50 -27.21 -11.33 9.95
CA GLU B 50 -26.76 -12.11 11.08
C GLU B 50 -25.50 -12.86 10.66
N PRO B 51 -24.63 -13.30 11.61
CA PRO B 51 -23.39 -13.98 11.26
C PRO B 51 -23.59 -15.28 10.51
N ASP B 52 -22.72 -15.53 9.54
CA ASP B 52 -22.49 -16.85 8.97
C ASP B 52 -21.48 -17.57 9.86
N THR B 53 -21.35 -18.88 9.71
CA THR B 53 -20.38 -19.63 10.48
C THR B 53 -19.05 -19.62 9.75
N PHE B 54 -18.00 -19.79 10.53
CA PHE B 54 -16.66 -19.91 10.00
C PHE B 54 -16.58 -21.11 9.04
N GLU B 55 -17.22 -22.22 9.38
CA GLU B 55 -17.27 -23.40 8.54
C GLU B 55 -17.84 -23.07 7.16
N ASP B 56 -18.95 -22.35 7.10
CA ASP B 56 -19.57 -21.99 5.83
CA ASP B 56 -19.59 -21.95 5.86
C ASP B 56 -18.61 -21.11 5.04
N ILE B 57 -17.83 -20.25 5.71
CA ILE B 57 -16.91 -19.39 5.01
C ILE B 57 -15.80 -20.21 4.38
N LEU B 58 -15.24 -21.16 5.13
CA LEU B 58 -14.15 -21.99 4.64
C LEU B 58 -14.61 -22.85 3.47
N GLN B 59 -15.84 -23.36 3.53
CA GLN B 59 -16.44 -24.09 2.44
CA GLN B 59 -16.40 -24.10 2.43
C GLN B 59 -16.47 -23.20 1.20
N ASP B 60 -16.86 -21.93 1.38
CA ASP B 60 -16.93 -21.01 0.25
C ASP B 60 -15.53 -20.76 -0.28
N VAL B 61 -14.55 -20.68 0.60
CA VAL B 61 -13.21 -20.44 0.10
C VAL B 61 -12.84 -21.58 -0.86
N GLU B 62 -13.11 -22.81 -0.45
CA GLU B 62 -12.70 -23.96 -1.21
C GLU B 62 -13.52 -24.08 -2.50
N LYS B 63 -14.83 -23.87 -2.42
CA LYS B 63 -15.72 -24.22 -3.51
C LYS B 63 -15.98 -23.07 -4.49
N ILE B 64 -15.78 -21.83 -4.05
CA ILE B 64 -16.10 -20.66 -4.86
C ILE B 64 -14.88 -19.79 -5.15
N ILE B 65 -13.99 -19.60 -4.15
CA ILE B 65 -12.83 -18.77 -4.32
C ILE B 65 -11.75 -19.54 -5.10
N MET B 66 -11.40 -20.74 -4.64
CA MET B 66 -10.26 -21.48 -5.17
C MET B 66 -10.35 -21.71 -6.68
N PRO B 67 -11.53 -22.01 -7.27
CA PRO B 67 -11.65 -22.14 -8.72
C PRO B 67 -11.26 -20.90 -9.51
N GLY B 68 -11.32 -19.74 -8.86
CA GLY B 68 -10.93 -18.47 -9.47
C GLY B 68 -9.56 -18.00 -8.99
N VAL B 69 -8.74 -18.90 -8.44
CA VAL B 69 -7.41 -18.52 -8.01
C VAL B 69 -6.39 -19.09 -9.00
N THR B 70 -5.42 -18.26 -9.39
CA THR B 70 -4.21 -18.67 -10.08
C THR B 70 -3.16 -18.96 -9.03
N HIS B 71 -2.63 -20.20 -9.02
CA HIS B 71 -1.80 -20.70 -7.93
C HIS B 71 -0.34 -20.33 -8.16
N TRP B 72 -0.02 -19.11 -7.73
CA TRP B 72 1.32 -18.54 -7.80
C TRP B 72 2.35 -19.43 -7.14
N HIS B 73 1.95 -20.23 -6.14
CA HIS B 73 2.93 -20.95 -5.34
C HIS B 73 3.01 -22.40 -5.77
N SER B 74 2.28 -22.77 -6.82
CA SER B 74 2.48 -24.08 -7.41
C SER B 74 3.88 -24.17 -8.01
N PRO B 75 4.58 -25.31 -7.85
CA PRO B 75 5.81 -25.55 -8.59
C PRO B 75 5.67 -25.36 -10.10
N TYR B 76 4.44 -25.54 -10.62
CA TYR B 76 4.18 -25.51 -12.06
C TYR B 76 3.77 -24.12 -12.53
N PHE B 77 3.80 -23.15 -11.65
CA PHE B 77 3.66 -21.77 -12.06
C PHE B 77 5.03 -21.22 -12.43
N PHE B 78 5.18 -20.89 -13.72
CA PHE B 78 6.45 -20.44 -14.25
C PHE B 78 6.27 -19.09 -14.95
N ALA B 79 5.29 -18.34 -14.44
CA ALA B 79 4.85 -17.12 -15.07
C ALA B 79 5.48 -15.93 -14.34
N TYR B 80 5.57 -14.84 -15.10
CA TYR B 80 5.97 -13.54 -14.58
C TYR B 80 7.34 -13.66 -13.91
N PHE B 81 7.39 -13.27 -12.63
CA PHE B 81 8.51 -13.54 -11.76
C PHE B 81 7.90 -14.08 -10.48
N PRO B 82 8.70 -14.71 -9.59
CA PRO B 82 8.18 -15.17 -8.30
C PRO B 82 7.54 -14.05 -7.52
N THR B 83 6.50 -14.38 -6.76
CA THR B 83 6.15 -13.57 -5.59
C THR B 83 6.48 -14.42 -4.36
N ALA B 84 6.77 -13.71 -3.27
CA ALA B 84 7.30 -14.36 -2.09
C ALA B 84 6.17 -15.02 -1.31
N SER B 85 6.48 -16.21 -0.80
CA SER B 85 5.65 -16.91 0.17
C SER B 85 6.58 -17.71 1.08
N SER B 86 6.65 -17.32 2.35
CA SER B 86 7.41 -18.09 3.31
C SER B 86 6.64 -18.12 4.60
N TYR B 87 6.79 -19.21 5.38
CA TYR B 87 6.07 -19.34 6.63
C TYR B 87 6.56 -18.30 7.64
N PRO B 88 7.85 -17.95 7.70
CA PRO B 88 8.27 -16.92 8.63
C PRO B 88 7.58 -15.60 8.34
N ALA B 89 7.43 -15.26 7.06
CA ALA B 89 6.76 -14.01 6.70
C ALA B 89 5.30 -14.09 7.13
N MET B 90 4.69 -15.27 7.01
CA MET B 90 3.29 -15.36 7.38
C MET B 90 3.15 -15.22 8.89
N LEU B 91 4.08 -15.80 9.66
CA LEU B 91 4.05 -15.67 11.10
C LEU B 91 4.17 -14.21 11.53
N ALA B 92 5.04 -13.47 10.86
CA ALA B 92 5.27 -12.08 11.16
C ALA B 92 4.03 -11.25 10.83
N ASP B 93 3.38 -11.60 9.73
CA ASP B 93 2.20 -10.87 9.30
C ASP B 93 1.10 -11.06 10.34
N MET B 94 1.03 -12.26 10.91
CA MET B 94 0.06 -12.52 11.95
C MET B 94 0.33 -11.59 13.12
N LEU B 95 1.58 -11.53 13.56
CA LEU B 95 1.93 -10.71 14.69
C LEU B 95 1.67 -9.24 14.33
N CYS B 96 2.04 -8.84 13.11
CA CYS B 96 1.84 -7.48 12.63
C CYS B 96 0.39 -7.04 12.80
N GLY B 97 -0.55 -7.90 12.41
CA GLY B 97 -1.96 -7.57 12.56
C GLY B 97 -2.45 -7.52 14.01
N ALA B 98 -1.86 -8.34 14.87
CA ALA B 98 -2.26 -8.39 16.28
C ALA B 98 -1.80 -7.14 17.01
N ILE B 99 -0.57 -6.71 16.78
CA ILE B 99 -0.08 -5.46 17.35
C ILE B 99 -0.94 -4.30 16.81
N GLY B 100 -1.07 -4.31 15.48
CA GLY B 100 -2.09 -3.54 14.81
C GLY B 100 -1.86 -2.05 14.96
N CYS B 101 -0.60 -1.61 15.00
CA CYS B 101 -0.33 -0.19 15.07
C CYS B 101 -0.35 0.41 13.66
N ILE B 102 -0.60 1.71 13.59
CA ILE B 102 -0.39 2.49 12.37
C ILE B 102 0.80 3.42 12.61
N GLY B 103 1.93 3.16 11.94
CA GLY B 103 3.18 3.81 12.30
C GLY B 103 3.41 5.09 11.50
N PHE B 104 2.43 6.01 11.55
CA PHE B 104 2.47 7.25 10.79
C PHE B 104 3.35 8.27 11.50
N SER B 105 3.68 8.00 12.76
CA SER B 105 4.66 8.77 13.50
C SER B 105 5.42 7.83 14.45
N TRP B 106 6.52 8.33 14.98
CA TRP B 106 7.27 7.60 15.97
C TRP B 106 6.39 7.28 17.17
N ALA B 107 5.68 8.28 17.71
CA ALA B 107 4.86 8.09 18.90
C ALA B 107 3.74 7.06 18.71
N ALA B 108 3.34 6.78 17.48
CA ALA B 108 2.28 5.84 17.20
C ALA B 108 2.73 4.38 17.39
N SER B 109 4.05 4.17 17.46
CA SER B 109 4.67 2.93 17.87
C SER B 109 6.15 3.00 17.52
N PRO B 110 7.03 3.42 18.45
CA PRO B 110 8.46 3.54 18.17
C PRO B 110 9.05 2.37 17.40
N ALA B 111 8.73 1.15 17.84
CA ALA B 111 9.36 -0.03 17.26
C ALA B 111 8.96 -0.20 15.80
N CYS B 112 7.75 0.28 15.43
CA CYS B 112 7.28 0.11 14.06
C CYS B 112 8.19 0.85 13.07
N THR B 113 8.70 2.01 13.50
CA THR B 113 9.66 2.77 12.72
C THR B 113 11.07 2.20 12.95
N GLU B 114 11.47 2.00 14.21
CA GLU B 114 12.86 1.74 14.51
C GLU B 114 13.33 0.40 13.94
N LEU B 115 12.49 -0.64 14.03
CA LEU B 115 12.89 -1.94 13.55
C LEU B 115 13.12 -1.88 12.05
N GLU B 116 12.29 -1.08 11.38
CA GLU B 116 12.36 -1.01 9.93
C GLU B 116 13.71 -0.45 9.49
N THR B 117 14.18 0.63 10.11
CA THR B 117 15.45 1.21 9.71
C THR B 117 16.55 0.18 9.89
N VAL B 118 16.48 -0.62 10.97
CA VAL B 118 17.55 -1.55 11.26
C VAL B 118 17.50 -2.68 10.23
N MET B 119 16.30 -3.16 9.92
CA MET B 119 16.18 -4.23 8.95
C MET B 119 16.67 -3.78 7.58
N MET B 120 16.47 -2.49 7.25
CA MET B 120 16.95 -1.99 5.98
C MET B 120 18.48 -1.91 5.96
N ASP B 121 19.11 -1.68 7.12
CA ASP B 121 20.55 -1.71 7.26
C ASP B 121 21.04 -3.17 7.16
N TRP B 122 20.36 -4.09 7.86
CA TRP B 122 20.69 -5.49 7.72
C TRP B 122 20.71 -5.87 6.24
N LEU B 123 19.63 -5.55 5.52
CA LEU B 123 19.48 -5.93 4.13
C LEU B 123 20.53 -5.20 3.26
N GLY B 124 20.76 -3.92 3.56
CA GLY B 124 21.78 -3.17 2.88
C GLY B 124 23.14 -3.83 3.01
N LYS B 125 23.46 -4.35 4.20
CA LYS B 125 24.73 -5.01 4.42
C LYS B 125 24.80 -6.35 3.70
N MET B 126 23.69 -7.08 3.65
CA MET B 126 23.66 -8.34 2.95
C MET B 126 23.94 -8.12 1.46
N LEU B 127 23.48 -6.99 0.91
CA LEU B 127 23.65 -6.67 -0.50
C LEU B 127 24.99 -5.98 -0.73
N GLN B 128 25.75 -5.74 0.33
CA GLN B 128 26.97 -4.95 0.29
C GLN B 128 26.74 -3.62 -0.43
N LEU B 129 25.65 -2.95 -0.12
CA LEU B 129 25.46 -1.61 -0.62
C LEU B 129 26.58 -0.71 -0.09
N PRO B 130 26.99 0.31 -0.85
CA PRO B 130 27.86 1.35 -0.32
C PRO B 130 27.23 1.90 0.96
N GLU B 131 28.11 2.39 1.82
CA GLU B 131 27.74 2.84 3.15
C GLU B 131 26.84 4.08 3.07
N ALA B 132 26.96 4.83 1.99
CA ALA B 132 26.14 6.01 1.76
C ALA B 132 24.65 5.67 1.85
N PHE B 133 24.27 4.41 1.61
CA PHE B 133 22.87 4.05 1.63
C PHE B 133 22.39 3.62 3.00
N LEU B 134 23.31 3.43 3.96
CA LEU B 134 22.94 2.92 5.28
C LEU B 134 22.69 4.06 6.26
N ALA B 135 21.73 3.84 7.15
CA ALA B 135 21.38 4.82 8.16
C ALA B 135 22.43 4.78 9.25
N GLY B 136 22.56 3.65 9.93
CA GLY B 136 23.51 3.54 11.03
C GLY B 136 23.25 4.61 12.09
N GLU B 137 24.34 5.04 12.74
CA GLU B 137 24.26 6.00 13.84
C GLU B 137 24.25 7.41 13.24
N ALA B 138 24.88 7.63 12.08
CA ALA B 138 25.10 8.99 11.60
C ALA B 138 24.97 9.15 10.09
N GLY B 139 24.33 8.22 9.39
CA GLY B 139 24.23 8.29 7.94
C GLY B 139 23.17 9.29 7.46
N GLU B 140 23.46 9.97 6.35
CA GLU B 140 22.51 10.86 5.72
C GLU B 140 21.46 10.05 4.96
N GLY B 141 21.79 8.83 4.60
CA GLY B 141 20.94 7.99 3.78
C GLY B 141 20.08 7.09 4.67
N GLY B 142 19.57 6.03 4.05
CA GLY B 142 18.83 5.05 4.78
C GLY B 142 17.79 4.43 3.88
N GLY B 143 17.05 3.51 4.48
CA GLY B 143 16.10 2.72 3.73
C GLY B 143 14.72 2.77 4.37
N VAL B 144 13.75 2.41 3.52
CA VAL B 144 12.36 2.45 3.86
C VAL B 144 11.70 1.30 3.10
N ILE B 145 10.71 0.70 3.74
CA ILE B 145 9.85 -0.23 3.06
C ILE B 145 8.79 0.58 2.32
N GLN B 146 8.72 0.34 1.01
CA GLN B 146 7.63 0.85 0.21
C GLN B 146 6.65 -0.29 -0.01
N GLY B 147 5.42 0.06 -0.42
CA GLY B 147 4.43 -0.95 -0.69
C GLY B 147 4.81 -1.81 -1.90
N SER B 148 5.54 -1.22 -2.86
CA SER B 148 5.81 -1.89 -4.13
C SER B 148 6.89 -1.09 -4.85
N ALA B 149 7.51 -1.73 -5.84
CA ALA B 149 8.51 -1.08 -6.68
C ALA B 149 7.86 0.01 -7.53
N SER B 150 6.60 -0.21 -7.94
CA SER B 150 5.89 0.79 -8.70
C SER B 150 5.81 2.09 -7.89
N GLU B 151 5.49 1.96 -6.60
CA GLU B 151 5.43 3.12 -5.72
C GLU B 151 6.82 3.71 -5.48
N ALA B 152 7.83 2.85 -5.31
CA ALA B 152 9.18 3.33 -5.06
C ALA B 152 9.64 4.20 -6.23
N THR B 153 9.33 3.75 -7.45
CA THR B 153 9.77 4.48 -8.63
C THR B 153 9.09 5.84 -8.68
N LEU B 154 7.81 5.89 -8.32
CA LEU B 154 7.10 7.15 -8.31
C LEU B 154 7.67 8.05 -7.22
N VAL B 155 7.97 7.50 -6.06
CA VAL B 155 8.54 8.29 -4.98
C VAL B 155 9.84 8.91 -5.46
N ALA B 156 10.70 8.08 -6.07
CA ALA B 156 11.96 8.59 -6.57
C ALA B 156 11.73 9.68 -7.61
N LEU B 157 10.75 9.49 -8.49
CA LEU B 157 10.52 10.46 -9.56
C LEU B 157 10.10 11.79 -8.96
N LEU B 158 9.22 11.73 -7.96
CA LEU B 158 8.75 12.94 -7.28
C LEU B 158 9.88 13.67 -6.57
N ALA B 159 10.79 12.93 -5.94
CA ALA B 159 11.92 13.55 -5.27
C ALA B 159 12.80 14.22 -6.31
N ALA B 160 13.01 13.52 -7.43
CA ALA B 160 13.81 14.03 -8.52
C ALA B 160 13.17 15.28 -9.10
N ARG B 161 11.84 15.26 -9.19
CA ARG B 161 11.10 16.35 -9.77
C ARG B 161 11.22 17.59 -8.91
N THR B 162 11.11 17.41 -7.59
CA THR B 162 11.19 18.55 -6.69
C THR B 162 12.58 19.13 -6.73
N LYS B 163 13.59 18.25 -6.77
CA LYS B 163 14.97 18.69 -6.75
C LYS B 163 15.32 19.55 -7.98
N VAL B 164 14.93 19.08 -9.18
CA VAL B 164 15.29 19.83 -10.38
C VAL B 164 14.43 21.10 -10.42
N VAL B 165 13.21 21.03 -9.91
CA VAL B 165 12.36 22.21 -9.92
C VAL B 165 13.01 23.33 -9.11
N ARG B 166 13.56 22.99 -7.93
CA ARG B 166 14.20 23.97 -7.06
C ARG B 166 15.46 24.53 -7.69
N ARG B 167 16.22 23.68 -8.34
CA ARG B 167 17.41 24.12 -9.05
C ARG B 167 17.04 25.15 -10.12
N LEU B 168 15.99 24.85 -10.89
CA LEU B 168 15.60 25.73 -12.00
C LEU B 168 15.00 27.01 -11.45
N GLN B 169 14.26 26.94 -10.34
CA GLN B 169 13.71 28.15 -9.77
C GLN B 169 14.80 28.99 -9.11
N ALA B 170 15.91 28.37 -8.70
CA ALA B 170 17.03 29.13 -8.15
C ALA B 170 17.62 30.05 -9.22
N ALA B 171 17.72 29.56 -10.46
CA ALA B 171 18.23 30.39 -11.55
C ALA B 171 17.18 31.39 -12.04
N SER B 172 15.92 30.99 -11.98
CA SER B 172 14.81 31.70 -12.61
C SER B 172 13.62 31.74 -11.65
N PRO B 173 13.61 32.63 -10.64
CA PRO B 173 12.62 32.50 -9.56
C PRO B 173 11.18 32.69 -10.02
N GLY B 174 10.97 33.27 -11.21
CA GLY B 174 9.63 33.46 -11.76
C GLY B 174 8.99 32.20 -12.31
N LEU B 175 9.77 31.15 -12.54
CA LEU B 175 9.34 29.92 -13.17
C LEU B 175 8.39 29.15 -12.25
N THR B 176 7.21 28.81 -12.77
CA THR B 176 6.19 28.04 -12.05
C THR B 176 6.52 26.57 -12.14
N GLN B 177 6.01 25.78 -11.21
CA GLN B 177 6.09 24.35 -11.30
C GLN B 177 5.62 23.88 -12.69
N GLY B 178 4.51 24.44 -13.19
CA GLY B 178 3.94 23.98 -14.45
C GLY B 178 4.85 24.24 -15.63
N ALA B 179 5.50 25.42 -15.68
CA ALA B 179 6.42 25.72 -16.76
C ALA B 179 7.64 24.81 -16.67
N VAL B 180 8.04 24.40 -15.46
CA VAL B 180 9.13 23.46 -15.33
C VAL B 180 8.72 22.09 -15.85
N LEU B 181 7.50 21.64 -15.50
CA LEU B 181 7.03 20.33 -15.91
C LEU B 181 7.09 20.14 -17.41
N GLU B 182 6.71 21.16 -18.17
CA GLU B 182 6.73 21.08 -19.62
C GLU B 182 8.14 20.79 -20.12
N LYS B 183 9.19 21.17 -19.39
CA LYS B 183 10.54 21.03 -19.93
C LYS B 183 11.18 19.71 -19.49
N LEU B 184 10.62 19.02 -18.53
CA LEU B 184 11.33 17.94 -17.88
C LEU B 184 11.22 16.68 -18.74
N VAL B 185 12.30 15.90 -18.75
CA VAL B 185 12.29 14.62 -19.43
C VAL B 185 12.96 13.57 -18.55
N ALA B 186 12.25 12.43 -18.44
CA ALA B 186 12.76 11.25 -17.76
C ALA B 186 13.08 10.17 -18.79
N TYR B 187 13.99 9.26 -18.43
CA TYR B 187 14.43 8.21 -19.33
C TYR B 187 14.42 6.88 -18.61
N ALA B 188 14.13 5.85 -19.39
CA ALA B 188 14.33 4.47 -18.98
C ALA B 188 14.63 3.65 -20.23
N SER B 189 15.11 2.44 -20.01
CA SER B 189 15.32 1.51 -21.10
C SER B 189 14.01 1.22 -21.84
N ASP B 190 14.11 0.86 -23.12
CA ASP B 190 12.96 0.33 -23.84
C ASP B 190 12.49 -0.99 -23.23
N GLN B 191 13.26 -1.64 -22.36
CA GLN B 191 12.82 -2.81 -21.64
C GLN B 191 12.31 -2.50 -20.23
N ALA B 192 12.24 -1.22 -19.85
CA ALA B 192 11.81 -0.88 -18.50
C ALA B 192 10.37 -1.33 -18.28
N HIS B 193 10.06 -1.59 -17.01
CA HIS B 193 8.74 -2.03 -16.61
C HIS B 193 7.76 -0.87 -16.74
N SER B 194 6.48 -1.22 -16.94
CA SER B 194 5.46 -0.22 -17.22
C SER B 194 5.24 0.69 -16.00
N SER B 195 5.71 0.28 -14.81
CA SER B 195 5.68 1.11 -13.63
C SER B 195 6.37 2.45 -13.86
N VAL B 196 7.36 2.46 -14.75
CA VAL B 196 8.10 3.69 -15.02
C VAL B 196 7.21 4.66 -15.81
N GLU B 197 6.49 4.14 -16.78
CA GLU B 197 5.59 4.99 -17.57
C GLU B 197 4.47 5.52 -16.68
N ARG B 198 3.96 4.68 -15.79
CA ARG B 198 2.96 5.16 -14.86
C ARG B 198 3.53 6.28 -14.00
N ALA B 199 4.78 6.15 -13.56
CA ALA B 199 5.35 7.16 -12.69
C ALA B 199 5.44 8.47 -13.47
N GLY B 200 5.80 8.38 -14.73
CA GLY B 200 5.93 9.56 -15.55
C GLY B 200 4.57 10.24 -15.77
N LEU B 201 3.54 9.44 -15.99
CA LEU B 201 2.20 9.93 -16.21
C LEU B 201 1.68 10.65 -14.97
N ILE B 202 1.82 10.03 -13.80
CA ILE B 202 1.34 10.59 -12.56
C ILE B 202 2.14 11.86 -12.22
N GLY B 203 3.45 11.82 -12.53
CA GLY B 203 4.36 12.90 -12.18
C GLY B 203 4.26 14.05 -13.15
N GLY B 204 3.55 13.83 -14.26
CA GLY B 204 3.27 14.89 -15.23
C GLY B 204 4.48 15.21 -16.11
N VAL B 205 5.36 14.25 -16.37
CA VAL B 205 6.57 14.51 -17.13
C VAL B 205 6.64 13.61 -18.36
N LYS B 206 7.41 14.04 -19.38
CA LYS B 206 7.69 13.21 -20.52
C LYS B 206 8.65 12.10 -20.11
N LEU B 207 8.36 10.88 -20.58
CA LEU B 207 9.26 9.74 -20.44
C LEU B 207 9.68 9.30 -21.83
N LYS B 208 10.97 9.14 -22.05
CA LYS B 208 11.48 8.67 -23.32
C LYS B 208 12.25 7.38 -23.08
N ALA B 209 12.11 6.44 -24.02
CA ALA B 209 12.74 5.14 -23.92
C ALA B 209 14.13 5.26 -24.53
N ILE B 210 15.15 4.74 -23.87
CA ILE B 210 16.46 4.62 -24.46
C ILE B 210 16.54 3.25 -25.16
N PRO B 211 16.90 3.21 -26.46
CA PRO B 211 17.12 1.95 -27.16
C PRO B 211 18.14 1.08 -26.42
N SER B 212 17.79 -0.17 -26.16
CA SER B 212 18.74 -1.09 -25.55
C SER B 212 19.69 -1.67 -26.60
N ASP B 213 20.85 -2.14 -26.16
CA ASP B 213 21.80 -2.78 -27.05
C ASP B 213 21.37 -4.22 -27.35
N GLY B 214 22.29 -5.00 -27.93
CA GLY B 214 22.04 -6.35 -28.38
C GLY B 214 21.76 -7.30 -27.23
N LYS B 215 22.23 -6.97 -26.02
CA LYS B 215 21.93 -7.71 -24.81
C LYS B 215 20.79 -7.05 -24.00
N PHE B 216 20.00 -6.20 -24.64
CA PHE B 216 18.84 -5.58 -24.01
C PHE B 216 19.25 -4.75 -22.80
N ALA B 217 20.42 -4.11 -22.90
CA ALA B 217 20.96 -3.28 -21.85
C ALA B 217 20.97 -1.83 -22.29
N MET B 218 20.70 -0.93 -21.33
CA MET B 218 20.98 0.48 -21.54
C MET B 218 22.48 0.72 -21.43
N ARG B 219 22.99 1.51 -22.40
CA ARG B 219 24.41 1.80 -22.47
C ARG B 219 24.63 3.31 -22.50
N ALA B 220 25.83 3.71 -22.14
CA ALA B 220 26.24 5.10 -22.12
C ALA B 220 25.93 5.76 -23.47
N SER B 221 26.35 5.12 -24.56
CA SER B 221 26.28 5.80 -25.84
C SER B 221 24.83 6.18 -26.19
N ALA B 222 23.88 5.28 -25.96
CA ALA B 222 22.48 5.53 -26.28
C ALA B 222 21.89 6.58 -25.34
N LEU B 223 22.24 6.53 -24.05
CA LEU B 223 21.78 7.54 -23.10
C LEU B 223 22.28 8.92 -23.52
N GLN B 224 23.58 9.00 -23.80
CA GLN B 224 24.25 10.24 -24.09
C GLN B 224 23.64 10.89 -25.32
N GLU B 225 23.38 10.07 -26.34
CA GLU B 225 22.76 10.55 -27.57
C GLU B 225 21.39 11.15 -27.28
N ALA B 226 20.58 10.47 -26.46
CA ALA B 226 19.26 10.99 -26.09
C ALA B 226 19.40 12.31 -25.35
N LEU B 227 20.33 12.39 -24.41
CA LEU B 227 20.51 13.58 -23.61
C LEU B 227 20.85 14.74 -24.52
N GLU B 228 21.79 14.54 -25.45
CA GLU B 228 22.28 15.63 -26.27
CA GLU B 228 22.26 15.66 -26.24
C GLU B 228 21.13 16.16 -27.14
N ARG B 229 20.36 15.24 -27.70
CA ARG B 229 19.26 15.60 -28.56
C ARG B 229 18.24 16.41 -27.76
N ASP B 230 17.91 15.94 -26.56
CA ASP B 230 16.87 16.55 -25.76
C ASP B 230 17.32 17.89 -25.19
N LYS B 231 18.58 18.00 -24.78
CA LYS B 231 19.07 19.26 -24.24
C LYS B 231 19.03 20.32 -25.33
N ALA B 232 19.39 19.96 -26.57
CA ALA B 232 19.42 20.90 -27.68
C ALA B 232 18.02 21.33 -28.08
N ALA B 233 17.01 20.50 -27.79
CA ALA B 233 15.63 20.90 -28.00
C ALA B 233 15.10 21.71 -26.83
N GLY B 234 15.94 22.02 -25.83
CA GLY B 234 15.54 22.85 -24.69
C GLY B 234 14.84 22.04 -23.59
N LEU B 235 14.98 20.71 -23.58
CA LEU B 235 14.40 19.91 -22.54
C LEU B 235 15.44 19.72 -21.43
N ILE B 236 14.98 19.35 -20.24
CA ILE B 236 15.87 19.22 -19.10
C ILE B 236 15.74 17.82 -18.57
N PRO B 237 16.75 16.97 -18.83
CA PRO B 237 16.78 15.61 -18.28
C PRO B 237 16.82 15.71 -16.76
N PHE B 238 16.02 14.94 -16.04
CA PHE B 238 16.06 15.09 -14.60
C PHE B 238 16.07 13.74 -13.90
N PHE B 239 15.77 12.65 -14.62
CA PHE B 239 15.58 11.37 -13.97
C PHE B 239 15.79 10.22 -14.95
N VAL B 240 16.55 9.23 -14.50
CA VAL B 240 16.85 8.04 -15.27
C VAL B 240 16.56 6.85 -14.38
N VAL B 241 15.78 5.89 -14.89
CA VAL B 241 15.63 4.61 -14.24
C VAL B 241 16.49 3.59 -14.98
N ALA B 242 17.45 3.04 -14.25
CA ALA B 242 18.24 1.91 -14.71
C ALA B 242 17.61 0.66 -14.12
N THR B 243 17.43 -0.35 -14.96
CA THR B 243 16.76 -1.58 -14.60
C THR B 243 17.80 -2.70 -14.54
N LEU B 244 17.89 -3.34 -13.38
CA LEU B 244 18.66 -4.57 -13.22
C LEU B 244 17.66 -5.73 -13.10
N GLY B 245 17.54 -6.49 -14.19
CA GLY B 245 16.64 -7.63 -14.26
C GLY B 245 15.33 -7.24 -14.92
N THR B 246 15.37 -6.92 -16.21
CA THR B 246 14.18 -6.55 -16.94
C THR B 246 13.20 -7.74 -16.98
N THR B 247 11.93 -7.40 -17.07
CA THR B 247 10.85 -8.38 -17.05
C THR B 247 10.95 -9.29 -18.25
N SER B 248 11.29 -8.74 -19.42
CA SER B 248 11.25 -9.52 -20.64
C SER B 248 12.26 -10.67 -20.57
N CYS B 249 13.53 -10.35 -20.29
CA CYS B 249 14.59 -11.32 -20.47
C CYS B 249 15.62 -11.22 -19.35
N CYS B 250 15.29 -10.56 -18.24
CA CYS B 250 16.20 -10.43 -17.13
C CYS B 250 17.58 -9.95 -17.58
N SER B 251 17.58 -8.86 -18.36
CA SER B 251 18.79 -8.17 -18.77
C SER B 251 19.11 -7.09 -17.73
N PHE B 252 20.31 -6.53 -17.88
CA PHE B 252 20.87 -5.63 -16.88
C PHE B 252 21.38 -4.37 -17.54
N ASP B 253 20.80 -3.22 -17.18
CA ASP B 253 21.37 -1.93 -17.57
C ASP B 253 22.77 -1.80 -16.98
N ASN B 254 23.59 -1.07 -17.71
CA ASN B 254 24.98 -0.92 -17.34
C ASN B 254 25.13 0.32 -16.46
N LEU B 255 25.07 0.10 -15.14
CA LEU B 255 25.21 1.14 -14.14
C LEU B 255 26.60 1.79 -14.18
N LEU B 256 27.64 1.01 -14.46
CA LEU B 256 28.98 1.58 -14.48
C LEU B 256 29.10 2.60 -15.61
N GLU B 257 28.34 2.43 -16.67
CA GLU B 257 28.36 3.39 -17.75
C GLU B 257 27.40 4.55 -17.49
N VAL B 258 26.19 4.24 -17.04
CA VAL B 258 25.13 5.22 -16.92
C VAL B 258 25.33 6.11 -15.71
N GLY B 259 25.86 5.55 -14.63
CA GLY B 259 26.07 6.26 -13.37
C GLY B 259 26.88 7.53 -13.55
N PRO B 260 28.11 7.47 -14.10
CA PRO B 260 28.93 8.68 -14.31
C PRO B 260 28.21 9.76 -15.13
N ILE B 261 27.41 9.34 -16.11
CA ILE B 261 26.71 10.29 -16.95
C ILE B 261 25.65 11.03 -16.12
N CYS B 262 24.88 10.29 -15.33
CA CYS B 262 23.88 10.92 -14.48
C CYS B 262 24.55 11.85 -13.48
N HIS B 263 25.71 11.47 -12.96
CA HIS B 263 26.44 12.30 -12.03
C HIS B 263 26.86 13.61 -12.72
N GLU B 264 27.45 13.50 -13.91
CA GLU B 264 27.97 14.68 -14.59
C GLU B 264 26.84 15.62 -15.01
N GLU B 265 25.67 15.07 -15.31
CA GLU B 265 24.57 15.86 -15.84
C GLU B 265 23.64 16.26 -14.73
N ASP B 266 23.92 15.80 -13.51
CA ASP B 266 23.09 16.18 -12.37
C ASP B 266 21.66 15.66 -12.59
N ILE B 267 21.55 14.41 -12.99
CA ILE B 267 20.30 13.71 -13.21
C ILE B 267 20.14 12.71 -12.09
N TRP B 268 18.94 12.62 -11.52
CA TRP B 268 18.69 11.62 -10.51
C TRP B 268 18.71 10.23 -11.14
N LEU B 269 19.47 9.32 -10.55
CA LEU B 269 19.55 7.93 -11.02
C LEU B 269 18.86 7.04 -10.01
N HIS B 270 17.76 6.42 -10.47
CA HIS B 270 17.03 5.44 -9.70
C HIS B 270 17.32 4.07 -10.30
N VAL B 271 17.67 3.12 -9.45
CA VAL B 271 17.89 1.75 -9.86
C VAL B 271 16.71 0.90 -9.44
N ASP B 272 16.03 0.36 -10.44
CA ASP B 272 14.96 -0.62 -10.28
C ASP B 272 15.55 -2.02 -10.46
N ALA B 273 15.69 -2.75 -9.36
CA ALA B 273 16.15 -4.12 -9.39
C ALA B 273 15.07 -5.03 -8.80
N ALA B 274 13.81 -4.76 -9.12
CA ALA B 274 12.67 -5.43 -8.48
C ALA B 274 12.93 -6.91 -8.20
N TYR B 275 13.23 -7.66 -9.27
CA TYR B 275 13.42 -9.10 -9.18
C TYR B 275 14.86 -9.44 -8.82
N ALA B 276 15.79 -8.95 -9.64
CA ALA B 276 17.16 -9.41 -9.64
C ALA B 276 17.85 -9.06 -8.32
N GLY B 277 17.35 -8.01 -7.65
CA GLY B 277 18.07 -7.46 -6.51
C GLY B 277 18.32 -8.48 -5.41
N SER B 278 17.40 -9.42 -5.24
CA SER B 278 17.56 -10.46 -4.23
C SER B 278 18.82 -11.29 -4.46
N ALA B 279 19.25 -11.44 -5.72
CA ALA B 279 20.40 -12.26 -6.05
C ALA B 279 21.70 -11.62 -5.55
N PHE B 280 21.68 -10.31 -5.30
CA PHE B 280 22.91 -9.59 -5.01
C PHE B 280 23.39 -9.86 -3.58
N ILE B 281 22.66 -10.64 -2.79
CA ILE B 281 23.16 -11.13 -1.51
C ILE B 281 24.15 -12.28 -1.72
N CYS B 282 24.20 -12.81 -2.93
CA CYS B 282 25.17 -13.84 -3.27
C CYS B 282 26.37 -13.19 -3.95
N PRO B 283 27.59 -13.37 -3.43
CA PRO B 283 28.77 -12.71 -4.01
C PRO B 283 28.96 -12.92 -5.52
N GLU B 284 28.57 -14.09 -6.05
CA GLU B 284 28.78 -14.36 -7.46
C GLU B 284 27.87 -13.49 -8.34
N PHE B 285 26.83 -12.85 -7.78
CA PHE B 285 25.98 -11.99 -8.60
C PHE B 285 26.15 -10.50 -8.30
N ARG B 286 26.90 -10.19 -7.24
CA ARG B 286 27.00 -8.82 -6.74
C ARG B 286 27.60 -7.89 -7.79
N HIS B 287 28.45 -8.41 -8.70
CA HIS B 287 29.09 -7.55 -9.70
C HIS B 287 28.05 -6.82 -10.56
N LEU B 288 26.85 -7.40 -10.71
CA LEU B 288 25.82 -6.82 -11.57
C LEU B 288 25.28 -5.54 -10.96
N LEU B 289 25.49 -5.34 -9.66
CA LEU B 289 25.05 -4.13 -8.98
C LEU B 289 26.16 -3.06 -8.96
N ASN B 290 27.34 -3.37 -9.51
CA ASN B 290 28.44 -2.42 -9.48
C ASN B 290 28.02 -1.14 -10.16
N GLY B 291 28.33 0.00 -9.55
CA GLY B 291 27.88 1.26 -10.08
C GLY B 291 26.71 1.83 -9.30
N VAL B 292 26.14 1.06 -8.38
CA VAL B 292 25.04 1.55 -7.59
C VAL B 292 25.49 2.73 -6.72
N GLU B 293 26.80 2.84 -6.49
CA GLU B 293 27.39 3.97 -5.78
C GLU B 293 27.04 5.30 -6.47
N PHE B 294 26.69 5.27 -7.76
CA PHE B 294 26.30 6.45 -8.47
C PHE B 294 24.81 6.70 -8.34
N ALA B 295 24.04 5.77 -7.82
CA ALA B 295 22.59 5.94 -7.79
C ALA B 295 22.17 6.86 -6.65
N ASP B 296 21.10 7.62 -6.87
CA ASP B 296 20.48 8.42 -5.84
C ASP B 296 19.54 7.55 -5.04
N SER B 297 18.92 6.58 -5.71
CA SER B 297 17.99 5.68 -5.04
C SER B 297 18.13 4.27 -5.61
N PHE B 298 17.89 3.30 -4.77
CA PHE B 298 18.00 1.91 -5.17
C PHE B 298 16.81 1.19 -4.60
N ASN B 299 16.21 0.32 -5.39
CA ASN B 299 15.01 -0.39 -4.99
C ASN B 299 15.06 -1.79 -5.55
N PHE B 300 14.62 -2.76 -4.73
CA PHE B 300 14.23 -4.08 -5.20
C PHE B 300 13.12 -4.60 -4.27
N ASN B 301 12.49 -5.71 -4.68
CA ASN B 301 11.37 -6.28 -3.99
C ASN B 301 11.77 -7.57 -3.30
N PRO B 302 11.96 -7.56 -1.97
CA PRO B 302 11.94 -8.80 -1.21
C PRO B 302 10.69 -9.63 -1.47
N HIS B 303 9.60 -8.98 -1.87
CA HIS B 303 8.33 -9.65 -2.09
C HIS B 303 8.29 -10.33 -3.44
N LYS B 304 9.38 -10.25 -4.20
CA LYS B 304 9.53 -11.11 -5.35
C LYS B 304 10.36 -12.33 -4.95
N TRP B 305 11.66 -12.13 -4.71
CA TRP B 305 12.61 -13.22 -4.69
C TRP B 305 13.43 -13.27 -3.40
N LEU B 306 12.91 -12.73 -2.29
CA LEU B 306 13.60 -12.88 -1.01
C LEU B 306 12.65 -13.31 0.11
N LEU B 307 11.55 -13.96 -0.28
CA LEU B 307 10.71 -14.72 0.64
C LEU B 307 9.97 -13.85 1.65
N VAL B 308 9.88 -12.55 1.38
CA VAL B 308 9.14 -11.66 2.25
C VAL B 308 7.82 -11.33 1.56
N ASN B 309 6.74 -11.98 2.00
CA ASN B 309 5.44 -11.87 1.38
C ASN B 309 5.10 -10.41 1.13
N PHE B 310 4.51 -10.18 -0.04
CA PHE B 310 3.95 -8.90 -0.42
C PHE B 310 3.05 -8.40 0.71
N ASP B 311 3.17 -7.12 1.10
CA ASP B 311 3.94 -6.07 0.45
C ASP B 311 5.25 -5.83 1.19
N CYS B 312 6.34 -5.77 0.42
CA CYS B 312 7.62 -5.39 0.97
C CYS B 312 8.58 -5.11 -0.17
N SER B 313 8.69 -3.82 -0.51
CA SER B 313 9.65 -3.31 -1.46
C SER B 313 10.68 -2.52 -0.64
N ALA B 314 11.95 -2.73 -0.95
CA ALA B 314 13.02 -2.15 -0.15
C ALA B 314 13.68 -1.05 -0.96
N MET B 315 13.63 0.18 -0.43
CA MET B 315 14.23 1.32 -1.10
C MET B 315 15.22 2.01 -0.16
N TRP B 316 16.35 2.40 -0.73
CA TRP B 316 17.36 3.19 -0.05
C TRP B 316 17.65 4.46 -0.85
N VAL B 317 18.04 5.49 -0.12
CA VAL B 317 18.51 6.72 -0.71
C VAL B 317 19.85 7.03 -0.05
N LYS B 318 20.65 7.87 -0.72
CA LYS B 318 21.88 8.40 -0.16
C LYS B 318 21.61 9.61 0.71
N ARG B 319 20.54 10.35 0.42
CA ARG B 319 20.33 11.66 0.99
C ARG B 319 18.87 11.77 1.37
N ARG B 320 18.57 11.56 2.65
CA ARG B 320 17.20 11.54 3.08
C ARG B 320 16.56 12.90 2.78
N THR B 321 17.31 14.01 2.81
CA THR B 321 16.67 15.29 2.60
C THR B 321 16.23 15.43 1.14
N ASP B 322 16.91 14.77 0.20
CA ASP B 322 16.48 14.81 -1.19
C ASP B 322 15.13 14.12 -1.30
N LEU B 323 14.92 13.09 -0.48
CA LEU B 323 13.66 12.35 -0.55
C LEU B 323 12.57 13.09 0.21
N THR B 324 12.90 13.48 1.44
CA THR B 324 12.00 14.15 2.36
C THR B 324 11.43 15.43 1.78
N GLY B 325 12.25 16.15 1.00
CA GLY B 325 11.90 17.46 0.48
C GLY B 325 10.73 17.39 -0.51
N ALA B 326 10.56 16.24 -1.15
CA ALA B 326 9.43 15.97 -2.02
C ALA B 326 8.07 15.97 -1.30
N PHE B 327 8.03 15.68 0.01
CA PHE B 327 6.77 15.41 0.70
C PHE B 327 6.47 16.48 1.76
N LYS B 328 7.23 17.58 1.69
CA LYS B 328 7.08 18.81 2.45
C LYS B 328 7.16 19.95 1.42
N SER B 341 20.21 13.03 10.53
CA SER B 341 21.05 11.84 10.16
C SER B 341 20.94 10.69 11.18
N GLY B 342 21.33 9.50 10.75
CA GLY B 342 21.21 8.29 11.56
C GLY B 342 19.74 7.89 11.75
N LEU B 343 19.26 8.11 12.98
CA LEU B 343 17.94 7.72 13.40
C LEU B 343 16.87 8.34 12.50
N ILE B 344 15.98 7.50 12.00
CA ILE B 344 14.81 7.97 11.29
C ILE B 344 13.63 7.88 12.24
N THR B 345 12.91 9.00 12.41
CA THR B 345 11.72 8.98 13.25
C THR B 345 10.44 9.12 12.41
N ASP B 346 10.51 9.45 11.11
CA ASP B 346 9.40 10.05 10.38
C ASP B 346 9.31 9.48 8.96
N TYR B 347 8.98 8.20 8.87
CA TYR B 347 8.85 7.60 7.54
C TYR B 347 7.72 8.20 6.67
N ARG B 348 6.91 9.10 7.20
CA ARG B 348 5.81 9.62 6.43
C ARG B 348 6.31 10.59 5.37
N HIS B 349 7.56 11.05 5.47
CA HIS B 349 8.13 11.86 4.41
C HIS B 349 8.95 11.02 3.43
N TRP B 350 8.88 9.70 3.55
CA TRP B 350 9.64 8.82 2.69
C TRP B 350 8.75 8.03 1.75
N GLN B 351 7.43 8.23 1.82
CA GLN B 351 6.49 7.41 1.06
C GLN B 351 5.21 8.20 0.79
N LEU B 352 4.37 7.69 -0.13
CA LEU B 352 3.15 8.39 -0.52
C LEU B 352 2.09 8.31 0.58
N PRO B 353 1.73 7.13 1.14
CA PRO B 353 0.73 7.07 2.20
C PRO B 353 1.31 7.67 3.49
N LEU B 354 0.42 8.08 4.40
CA LEU B 354 0.80 8.50 5.75
C LEU B 354 0.85 7.29 6.67
N GLY B 355 -0.16 6.43 6.53
CA GLY B 355 -0.31 5.23 7.32
C GLY B 355 0.62 4.14 6.83
N ARG B 356 0.93 3.21 7.72
CA ARG B 356 1.76 2.06 7.37
C ARG B 356 1.64 1.07 8.51
N ARG B 357 1.79 -0.21 8.18
CA ARG B 357 1.77 -1.22 9.21
C ARG B 357 3.19 -1.68 9.45
N PHE B 358 3.32 -2.58 10.44
CA PHE B 358 4.60 -3.06 10.93
C PHE B 358 5.15 -4.15 10.02
N ARG B 359 5.40 -3.79 8.77
CA ARG B 359 5.87 -4.71 7.75
C ARG B 359 7.28 -5.20 8.04
N SER B 360 8.06 -4.45 8.83
CA SER B 360 9.46 -4.81 9.06
C SER B 360 9.56 -6.11 9.86
N LEU B 361 8.49 -6.46 10.59
CA LEU B 361 8.45 -7.75 11.24
C LEU B 361 8.70 -8.89 10.25
N LYS B 362 8.17 -8.78 9.04
CA LYS B 362 8.30 -9.84 8.05
C LYS B 362 9.77 -10.00 7.67
N MET B 363 10.48 -8.90 7.49
CA MET B 363 11.91 -8.97 7.20
C MET B 363 12.65 -9.65 8.34
N TRP B 364 12.39 -9.20 9.56
CA TRP B 364 13.08 -9.73 10.73
C TRP B 364 12.88 -11.24 10.87
N PHE B 365 11.63 -11.70 10.72
CA PHE B 365 11.34 -13.11 10.85
C PHE B 365 12.01 -13.88 9.71
N VAL B 366 11.91 -13.40 8.47
CA VAL B 366 12.48 -14.13 7.35
C VAL B 366 14.00 -14.19 7.53
N PHE B 367 14.62 -13.06 7.81
CA PHE B 367 16.08 -13.04 7.87
C PHE B 367 16.57 -13.91 9.03
N ARG B 368 15.82 -13.92 10.14
CA ARG B 368 16.26 -14.64 11.31
C ARG B 368 16.02 -16.14 11.19
N MET B 369 14.91 -16.50 10.53
CA MET B 369 14.56 -17.92 10.46
C MET B 369 15.26 -18.63 9.31
N TYR B 370 15.63 -17.90 8.25
CA TYR B 370 16.39 -18.49 7.17
C TYR B 370 17.87 -18.30 7.46
N GLY B 371 18.26 -17.15 8.01
CA GLY B 371 19.67 -16.77 8.04
C GLY B 371 20.13 -16.37 6.65
N VAL B 372 21.23 -15.64 6.55
CA VAL B 372 21.77 -15.24 5.26
C VAL B 372 22.04 -16.49 4.42
N LYS B 373 22.60 -17.54 5.02
CA LYS B 373 22.95 -18.76 4.32
C LYS B 373 21.73 -19.42 3.71
N GLY B 374 20.62 -19.45 4.44
CA GLY B 374 19.39 -20.03 3.94
C GLY B 374 18.87 -19.24 2.74
N LEU B 375 18.95 -17.91 2.82
CA LEU B 375 18.49 -17.09 1.71
C LEU B 375 19.40 -17.31 0.50
N GLN B 376 20.69 -17.40 0.72
CA GLN B 376 21.61 -17.63 -0.37
C GLN B 376 21.33 -18.97 -1.03
N ALA B 377 21.01 -19.98 -0.22
CA ALA B 377 20.79 -21.33 -0.74
C ALA B 377 19.54 -21.36 -1.61
N TYR B 378 18.52 -20.64 -1.19
CA TYR B 378 17.28 -20.49 -1.93
C TYR B 378 17.50 -19.89 -3.31
N ILE B 379 18.24 -18.77 -3.37
CA ILE B 379 18.53 -18.08 -4.60
C ILE B 379 19.31 -19.03 -5.52
N ARG B 380 20.37 -19.64 -4.97
CA ARG B 380 21.26 -20.46 -5.76
C ARG B 380 20.51 -21.67 -6.32
N LYS B 381 19.56 -22.21 -5.55
CA LYS B 381 18.85 -23.39 -6.03
C LYS B 381 17.95 -23.00 -7.21
N HIS B 382 17.32 -21.84 -7.11
CA HIS B 382 16.50 -21.34 -8.21
C HIS B 382 17.33 -21.12 -9.46
N VAL B 383 18.53 -20.57 -9.28
CA VAL B 383 19.39 -20.28 -10.42
C VAL B 383 19.86 -21.60 -11.03
N GLN B 384 20.16 -22.58 -10.19
CA GLN B 384 20.55 -23.87 -10.73
C GLN B 384 19.42 -24.48 -11.55
N LEU B 385 18.17 -24.36 -11.09
CA LEU B 385 17.02 -24.94 -11.79
C LEU B 385 16.80 -24.25 -13.12
N SER B 386 17.01 -22.94 -13.12
CA SER B 386 16.99 -22.15 -14.33
C SER B 386 17.98 -22.71 -15.36
N HIS B 387 19.22 -22.94 -14.92
CA HIS B 387 20.23 -23.48 -15.80
C HIS B 387 19.89 -24.90 -16.22
N GLU B 388 19.19 -25.64 -15.38
CA GLU B 388 18.80 -27.00 -15.74
C GLU B 388 17.84 -26.94 -16.93
N PHE B 389 16.90 -25.99 -16.86
CA PHE B 389 15.95 -25.82 -17.95
C PHE B 389 16.68 -25.35 -19.20
N GLU B 390 17.58 -24.38 -19.05
CA GLU B 390 18.42 -23.95 -20.15
C GLU B 390 19.12 -25.13 -20.82
N ALA B 391 19.70 -26.03 -20.01
CA ALA B 391 20.43 -27.16 -20.54
C ALA B 391 19.52 -28.04 -21.39
N PHE B 392 18.27 -28.22 -20.97
CA PHE B 392 17.33 -29.01 -21.78
C PHE B 392 17.12 -28.37 -23.16
N VAL B 393 16.89 -27.07 -23.15
CA VAL B 393 16.60 -26.37 -24.39
C VAL B 393 17.81 -26.45 -25.31
N LEU B 394 19.01 -26.24 -24.78
CA LEU B 394 20.23 -26.26 -25.59
C LEU B 394 20.47 -27.63 -26.23
N GLN B 395 19.94 -28.70 -25.65
CA GLN B 395 20.20 -30.03 -26.20
C GLN B 395 19.20 -30.38 -27.29
N ASP B 396 18.12 -29.60 -27.39
CA ASP B 396 17.11 -29.89 -28.39
C ASP B 396 17.25 -28.93 -29.57
N PRO B 397 17.67 -29.40 -30.75
CA PRO B 397 17.94 -28.50 -31.86
C PRO B 397 16.70 -27.87 -32.48
N ARG B 398 15.49 -28.23 -32.05
CA ARG B 398 14.30 -27.56 -32.54
C ARG B 398 14.08 -26.23 -31.84
N PHE B 399 14.78 -26.00 -30.72
CA PHE B 399 14.57 -24.83 -29.90
C PHE B 399 15.82 -23.97 -29.85
N GLU B 400 15.65 -22.76 -29.32
CA GLU B 400 16.76 -21.85 -29.11
C GLU B 400 16.50 -21.09 -27.82
N VAL B 401 17.60 -20.72 -27.17
CA VAL B 401 17.58 -19.80 -26.05
C VAL B 401 17.81 -18.41 -26.59
N CYS B 402 17.00 -17.45 -26.13
CA CYS B 402 16.88 -16.17 -26.80
C CYS B 402 17.64 -15.06 -26.09
N ALA B 403 18.17 -15.33 -24.91
CA ALA B 403 18.93 -14.35 -24.16
C ALA B 403 19.77 -15.08 -23.14
N GLU B 404 20.81 -14.40 -22.66
CA GLU B 404 21.66 -14.92 -21.61
C GLU B 404 20.84 -15.25 -20.37
N VAL B 405 21.09 -16.44 -19.81
CA VAL B 405 20.45 -16.88 -18.60
C VAL B 405 21.38 -16.57 -17.44
N THR B 406 20.96 -15.63 -16.58
CA THR B 406 21.76 -15.24 -15.44
C THR B 406 21.08 -15.68 -14.15
N LEU B 407 19.78 -15.45 -14.06
CA LEU B 407 19.03 -15.74 -12.85
C LEU B 407 17.94 -16.77 -13.14
N GLY B 408 16.75 -16.59 -12.60
CA GLY B 408 15.75 -17.65 -12.62
C GLY B 408 14.81 -17.55 -13.81
N LEU B 409 15.29 -17.04 -14.95
CA LEU B 409 14.46 -16.87 -16.13
C LEU B 409 15.22 -17.38 -17.37
N VAL B 410 14.49 -18.16 -18.17
CA VAL B 410 14.96 -18.61 -19.46
C VAL B 410 13.97 -18.15 -20.52
N CYS B 411 14.49 -17.46 -21.53
CA CYS B 411 13.71 -17.11 -22.69
C CYS B 411 14.05 -18.09 -23.79
N PHE B 412 13.01 -18.69 -24.40
CA PHE B 412 13.25 -19.72 -25.39
C PHE B 412 12.13 -19.68 -26.43
N ARG B 413 12.41 -20.32 -27.56
CA ARG B 413 11.40 -20.45 -28.59
C ARG B 413 11.76 -21.65 -29.44
N LEU B 414 10.72 -22.17 -30.10
CA LEU B 414 10.87 -23.04 -31.24
C LEU B 414 11.48 -22.24 -32.38
N LYS B 415 12.51 -22.78 -33.01
CA LYS B 415 12.99 -22.22 -34.25
C LYS B 415 11.83 -22.26 -35.24
N GLY B 416 11.61 -21.13 -35.89
CA GLY B 416 10.50 -20.98 -36.80
C GLY B 416 9.79 -19.66 -36.54
N SER B 417 8.58 -19.58 -37.04
CA SER B 417 7.84 -18.32 -37.02
C SER B 417 7.32 -18.06 -35.63
N ASP B 418 6.94 -16.80 -35.44
CA ASP B 418 6.22 -16.35 -34.27
C ASP B 418 4.91 -17.13 -34.17
N GLY B 419 4.25 -17.39 -35.29
CA GLY B 419 2.98 -18.08 -35.23
C GLY B 419 3.10 -19.49 -34.65
N LEU B 420 4.19 -20.18 -34.98
CA LEU B 420 4.44 -21.50 -34.44
C LEU B 420 4.58 -21.43 -32.93
N ASN B 421 5.25 -20.38 -32.45
CA ASN B 421 5.50 -20.20 -31.03
C ASN B 421 4.23 -19.73 -30.32
N GLU B 422 3.43 -18.88 -30.97
CA GLU B 422 2.13 -18.52 -30.44
C GLU B 422 1.30 -19.79 -30.33
N ALA B 423 1.34 -20.66 -31.34
CA ALA B 423 0.53 -21.87 -31.25
C ALA B 423 1.05 -22.76 -30.12
N LEU B 424 2.38 -22.83 -29.93
CA LEU B 424 2.93 -23.65 -28.88
C LEU B 424 2.43 -23.16 -27.53
N LEU B 425 2.51 -21.85 -27.29
CA LEU B 425 2.01 -21.24 -26.06
C LEU B 425 0.54 -21.58 -25.83
N GLU B 426 -0.27 -21.50 -26.88
CA GLU B 426 -1.68 -21.80 -26.77
C GLU B 426 -1.84 -23.24 -26.32
N ARG B 427 -1.06 -24.17 -26.90
CA ARG B 427 -1.15 -25.57 -26.53
C ARG B 427 -0.78 -25.79 -25.06
N ILE B 428 0.26 -25.10 -24.59
CA ILE B 428 0.70 -25.21 -23.21
C ILE B 428 -0.41 -24.74 -22.28
N ASN B 429 -0.97 -23.57 -22.56
CA ASN B 429 -1.99 -22.96 -21.72
C ASN B 429 -3.24 -23.81 -21.72
N SER B 430 -3.60 -24.30 -22.87
CA SER B 430 -4.74 -25.17 -23.04
C SER B 430 -4.58 -26.49 -22.29
N ALA B 431 -3.37 -27.06 -22.18
CA ALA B 431 -3.21 -28.34 -21.52
C ALA B 431 -3.37 -28.20 -20.01
N ARG B 432 -3.16 -27.00 -19.48
CA ARG B 432 -3.37 -26.69 -18.08
C ARG B 432 -2.44 -27.45 -17.12
N LYS B 433 -1.24 -27.89 -17.56
CA LYS B 433 -0.30 -28.50 -16.63
C LYS B 433 0.60 -27.45 -16.00
N ILE B 434 1.10 -26.53 -16.82
CA ILE B 434 1.99 -25.49 -16.37
C ILE B 434 1.47 -24.18 -16.91
N HIS B 435 1.96 -23.09 -16.32
CA HIS B 435 1.59 -21.75 -16.71
C HIS B 435 2.85 -20.94 -16.93
N LEU B 436 2.92 -20.27 -18.09
CA LEU B 436 4.08 -19.56 -18.67
C LEU B 436 3.48 -18.30 -19.29
N VAL B 437 4.27 -17.25 -19.49
CA VAL B 437 3.79 -16.15 -20.30
C VAL B 437 4.85 -15.79 -21.33
N PRO B 438 4.44 -15.15 -22.44
CA PRO B 438 5.38 -14.80 -23.50
C PRO B 438 5.88 -13.37 -23.31
N CYS B 439 6.85 -12.99 -24.13
CA CYS B 439 7.21 -11.60 -24.31
CA CYS B 439 7.17 -11.59 -24.31
C CYS B 439 7.57 -11.41 -25.77
N ARG B 440 7.80 -10.15 -26.16
CA ARG B 440 8.38 -9.85 -27.46
C ARG B 440 9.79 -9.34 -27.21
N LEU B 441 10.78 -9.94 -27.88
CA LEU B 441 12.12 -9.41 -27.87
C LEU B 441 12.47 -9.00 -29.28
N ARG B 442 12.57 -7.67 -29.51
CA ARG B 442 12.78 -7.10 -30.82
C ARG B 442 11.81 -7.74 -31.82
N GLY B 443 10.51 -7.57 -31.56
CA GLY B 443 9.47 -7.98 -32.50
C GLY B 443 9.25 -9.49 -32.54
N GLN B 444 10.15 -10.26 -31.91
CA GLN B 444 10.10 -11.71 -31.93
C GLN B 444 9.30 -12.24 -30.75
N PHE B 445 8.46 -13.26 -30.99
CA PHE B 445 7.65 -13.84 -29.93
C PHE B 445 8.50 -14.88 -29.22
N VAL B 446 8.57 -14.76 -27.91
CA VAL B 446 9.44 -15.60 -27.10
C VAL B 446 8.65 -16.12 -25.91
N LEU B 447 8.91 -17.36 -25.51
CA LEU B 447 8.34 -17.91 -24.29
C LEU B 447 9.30 -17.66 -23.14
N ARG B 448 8.71 -17.30 -22.00
CA ARG B 448 9.48 -17.12 -20.78
C ARG B 448 9.20 -18.29 -19.84
N PHE B 449 10.29 -18.82 -19.28
CA PHE B 449 10.21 -19.83 -18.24
C PHE B 449 10.87 -19.25 -17.00
N ALA B 450 10.06 -18.92 -16.02
CA ALA B 450 10.52 -18.31 -14.79
C ALA B 450 10.34 -19.30 -13.65
N ILE B 451 11.42 -19.52 -12.89
CA ILE B 451 11.39 -20.33 -11.70
C ILE B 451 10.75 -19.47 -10.60
N CYS B 452 9.61 -19.92 -10.05
CA CYS B 452 8.82 -19.08 -9.17
C CYS B 452 8.65 -19.68 -7.77
N SER B 453 8.09 -20.88 -7.69
CA SER B 453 7.65 -21.43 -6.43
C SER B 453 8.83 -21.67 -5.51
N ARG B 454 8.63 -21.42 -4.22
CA ARG B 454 9.58 -21.83 -3.19
C ARG B 454 9.86 -23.33 -3.30
N LYS B 455 8.89 -24.12 -3.77
CA LYS B 455 8.98 -25.56 -3.71
C LYS B 455 9.32 -26.21 -5.04
N VAL B 456 9.72 -25.45 -6.06
CA VAL B 456 10.13 -26.09 -7.31
C VAL B 456 11.36 -26.93 -7.04
N GLU B 457 11.43 -28.10 -7.69
CA GLU B 457 12.57 -29.00 -7.64
C GLU B 457 12.96 -29.34 -9.08
N SER B 458 14.11 -30.03 -9.25
CA SER B 458 14.52 -30.51 -10.56
C SER B 458 13.43 -31.29 -11.25
N GLY B 459 12.75 -32.14 -10.50
CA GLY B 459 11.75 -33.03 -11.08
C GLY B 459 10.65 -32.21 -11.77
N HIS B 460 10.25 -31.09 -11.17
CA HIS B 460 9.20 -30.25 -11.75
C HIS B 460 9.68 -29.63 -13.05
N VAL B 461 10.94 -29.19 -13.07
CA VAL B 461 11.50 -28.55 -14.25
C VAL B 461 11.61 -29.57 -15.37
N ARG B 462 12.07 -30.78 -15.06
CA ARG B 462 12.17 -31.83 -16.05
C ARG B 462 10.79 -32.15 -16.61
N LEU B 463 9.77 -32.31 -15.74
CA LEU B 463 8.44 -32.64 -16.22
CA LEU B 463 8.40 -32.60 -16.16
C LEU B 463 7.90 -31.48 -17.06
N ALA B 464 8.17 -30.24 -16.66
CA ALA B 464 7.70 -29.11 -17.45
C ALA B 464 8.31 -29.16 -18.85
N TRP B 465 9.60 -29.47 -18.92
CA TRP B 465 10.29 -29.49 -20.19
C TRP B 465 9.78 -30.62 -21.07
N GLU B 466 9.59 -31.79 -20.50
CA GLU B 466 9.09 -32.94 -21.24
C GLU B 466 7.70 -32.62 -21.81
N HIS B 467 6.85 -32.03 -20.99
CA HIS B 467 5.55 -31.53 -21.41
C HIS B 467 5.68 -30.55 -22.57
N ILE B 468 6.55 -29.54 -22.45
CA ILE B 468 6.74 -28.58 -23.52
C ILE B 468 7.26 -29.27 -24.77
N ARG B 469 8.20 -30.20 -24.61
CA ARG B 469 8.86 -30.77 -25.77
C ARG B 469 7.84 -31.61 -26.54
N GLY B 470 6.96 -32.28 -25.80
CA GLY B 470 5.99 -33.17 -26.39
C GLY B 470 4.94 -32.40 -27.18
N LEU B 471 4.53 -31.25 -26.65
CA LEU B 471 3.58 -30.39 -27.34
C LEU B 471 4.21 -29.89 -28.63
N ALA B 472 5.47 -29.41 -28.54
CA ALA B 472 6.19 -28.94 -29.71
C ALA B 472 6.25 -30.04 -30.78
N ALA B 473 6.48 -31.28 -30.36
CA ALA B 473 6.58 -32.37 -31.33
C ALA B 473 5.25 -32.51 -32.09
N GLU B 474 4.12 -32.48 -31.36
CA GLU B 474 2.83 -32.65 -32.01
C GLU B 474 2.60 -31.50 -32.98
N LEU B 475 2.95 -30.30 -32.54
CA LEU B 475 2.74 -29.11 -33.35
C LEU B 475 3.51 -29.18 -34.65
N LEU B 476 4.77 -29.61 -34.57
CA LEU B 476 5.67 -29.64 -35.72
C LEU B 476 5.25 -30.72 -36.72
N ALA B 477 4.76 -31.87 -36.23
CA ALA B 477 4.27 -32.93 -37.11
C ALA B 477 3.03 -32.43 -37.87
N ALA B 478 2.11 -31.77 -37.14
CA ALA B 478 0.87 -31.23 -37.68
C ALA B 478 1.09 -30.21 -38.81
N GLU B 479 2.19 -29.43 -38.75
CA GLU B 479 2.46 -28.42 -39.77
C GLU B 479 2.72 -29.10 -41.13
C22 A1BCS C . -5.96 4.76 11.14
C21 A1BCS C . -6.28 5.27 12.40
C16 A1BCS C . -5.33 9.83 12.04
C20 A1BCS C . -5.79 6.51 12.79
C5 A1BCS C . -7.20 10.41 6.57
C6 A1BCS C . -6.06 9.60 6.03
C12 A1BCS C . -7.44 10.50 7.95
C1 A1BCS C . -10.53 12.76 7.83
C2 A1BCS C . -9.35 11.92 7.44
N3 A1BCS C . -9.09 11.81 6.15
C4 A1BCS C . -8.05 11.08 5.74
O7 A1BCS C . -6.44 8.19 6.32
P8 A1BCS C . -5.33 7.01 6.06
O9 A1BCS C . -4.42 7.48 4.96
O10 A1BCS C . -6.18 5.80 5.71
O11 A1BCS C . -4.63 6.87 7.39
C13 A1BCS C . -6.57 9.82 8.78
N14 A1BCS C . -6.63 9.81 10.02
N15 A1BCS C . -5.40 9.95 10.57
C17 A1BCS C . -6.71 9.70 12.72
C18 A1BCS C . -4.44 8.61 12.37
C19 A1BCS C . -4.98 7.26 11.94
O23 A1BCS C . -6.41 3.55 10.72
C24 A1BCS C . -5.14 5.51 10.28
O25 A1BCS C . -4.84 5.01 9.05
C26 A1BCS C . -4.66 6.75 10.69
C27 A1BCS C . -4.59 11.11 12.46
O28 A1BCS C . -4.41 11.29 13.65
O29 A1BCS C . -4.16 11.86 11.55
C30 A1BCS C . -8.55 11.27 8.42
O31 A1BCS C . -8.81 11.39 9.69
S SO4 D . -11.57 -10.25 23.11
O1 SO4 D . -11.78 -9.22 24.07
O2 SO4 D . -12.64 -10.25 22.14
O3 SO4 D . -11.59 -11.54 23.79
O4 SO4 D . -10.25 -9.99 22.47
S SO4 E . -1.98 -1.07 -19.09
O1 SO4 E . -0.78 -1.39 -19.82
O2 SO4 E . -1.66 -0.95 -17.68
O3 SO4 E . -2.96 -2.10 -19.31
O4 SO4 E . -2.50 0.19 -19.57
C22 A1BCS F . 5.36 -9.72 -7.74
C21 A1BCS F . 5.62 -10.78 -8.63
C16 A1BCS F . 5.57 -8.67 -12.81
C20 A1BCS F . 5.32 -10.64 -9.97
C5 A1BCS F . 8.21 -3.69 -11.01
C6 A1BCS F . 7.06 -3.23 -10.17
C12 A1BCS F . 8.22 -4.96 -11.62
C1 A1BCS F . 11.65 -4.73 -13.32
C2 A1BCS F . 10.42 -4.42 -12.54
N3 A1BCS F . 10.37 -3.22 -11.94
C4 A1BCS F . 9.30 -2.89 -11.21
O7 A1BCS F . 7.02 -4.20 -9.04
P8 A1BCS F . 5.78 -4.14 -8.00
O9 A1BCS F . 5.20 -2.77 -8.22
O10 A1BCS F . 6.43 -4.35 -6.63
O11 A1BCS F . 4.81 -5.24 -8.34
C13 A1BCS F . 7.09 -5.78 -11.42
N14 A1BCS F . 6.95 -6.95 -11.91
N15 A1BCS F . 5.71 -7.30 -12.28
C17 A1BCS F . 6.82 -9.56 -12.75
C18 A1BCS F . 4.46 -9.30 -11.94
C19 A1BCS F . 4.78 -9.44 -10.48
O23 A1BCS F . 5.61 -9.78 -6.41
C24 A1BCS F . 4.80 -8.52 -8.23
O25 A1BCS F . 4.56 -7.49 -7.36
C26 A1BCS F . 4.52 -8.40 -9.60
C27 A1BCS F . 5.07 -8.54 -14.30
O28 A1BCS F . 4.84 -7.39 -14.70
O29 A1BCS F . 4.99 -9.58 -14.99
C30 A1BCS F . 9.35 -5.35 -12.41
O31 A1BCS F . 9.42 -6.49 -12.98
S SO4 G . 6.32 -27.01 2.36
O1 SO4 G . 6.48 -27.56 1.03
O2 SO4 G . 7.60 -26.51 2.81
O3 SO4 G . 5.93 -28.07 3.26
O4 SO4 G . 5.27 -25.98 2.29
S SO4 H . 4.02 16.80 8.21
O1 SO4 H . 2.82 17.43 8.66
O2 SO4 H . 3.71 15.51 7.63
O3 SO4 H . 4.90 16.62 9.35
O4 SO4 H . 4.66 17.65 7.22
#